data_2PVV
#
_entry.id   2PVV
#
_cell.length_a   101.617
_cell.length_b   130.220
_cell.length_c   158.975
_cell.angle_alpha   90.00
_cell.angle_beta   90.00
_cell.angle_gamma   90.00
#
_symmetry.space_group_name_H-M   'I 2 2 2'
#
loop_
_entity.id
_entity.type
_entity.pdbx_description
1 polymer 'Glutamate carboxypeptidase 2'
2 branched 2-acetamido-2-deoxy-beta-D-glucopyranose-(1-4)-2-acetamido-2-deoxy-beta-D-glucopyranose
3 branched alpha-D-mannopyranose-(1-3)-alpha-D-mannopyranose-(1-4)-2-acetamido-2-deoxy-beta-D-glucopyranose-(1-4)-2-acetamido-2-deoxy-beta-D-glucopyranose
4 non-polymer 2-acetamido-2-deoxy-beta-D-glucopyranose
5 non-polymer 'ZINC ION'
6 non-polymer 'CALCIUM ION'
7 non-polymer 'CHLORIDE ION'
8 non-polymer O-SULFO-L-SERINE
9 water water
#
_entity_poly.entity_id   1
_entity_poly.type   'polypeptide(L)'
_entity_poly.pdbx_seq_one_letter_code
;RSKSSNEATNITPKHNMKAFLDELKAENIKKFLYNFTQIPHLAGTEQNFQLAKQIQSQWKEFGLDSVELAHYDVLLSYPN
KTHPNYISIINEDGNEIFNTSLFEPPPPGYENVSDIVPPFSAFSPQGMPEGDLVYVNYARTEDFFKLERDMKINCSGKIV
IARYGKVFRGNKVKNAQLAGAKGVILYSDPADYFAPGVKSYPDGWNLPGGGVQRGNILNLNGAGDPLTPGYPANEYAYRR
GIAEAVGLPSIPVHPIGYYDAQKLLEKMGGSAPPDSSWRGSLKVPYNVGPGFTGNFSTQKVKMHIHSTNEVTRIYNVIGT
LRGAVEPDRYVILGGHRDSWVFGGIDPQSGAAVVHEIVRSFGTLKKEGWRPRRTILFASWDAEEFGLLGSTEWAEENSRL
LQERGVAYINADSSIEGNYTLRVDCTPLMYSLVHNLTKELKSPDEGFEGKSLYESWTKKSPSPEFSGMPRISKLGSGNDF
EVFFQRLGIASGRARYTKNWETNKFSGYPLYHSVYETYELVEKFYDPMFKYHLTVAQVRGGMVFELANSIVLPFDCRDYA
VVLRKYADKIYSISMKHPQEMKTYSVSFDSLFSAVKNFTEIASKFSERLQDFDKSNPIVLRMMNDQLMFLERAFIDPLGL
PDRPFYRHVIYAPSSHNKYAGESFPGIYDALFDIESKVDPSKAWGEVKRQIYVAAFTVQAAAETLSEVA
;
_entity_poly.pdbx_strand_id   A
#
loop_
_chem_comp.id
_chem_comp.type
_chem_comp.name
_chem_comp.formula
CA non-polymer 'CALCIUM ION' 'Ca 2'
CL non-polymer 'CHLORIDE ION' 'Cl -1'
MAN D-saccharide, alpha linking alpha-D-mannopyranose 'C6 H12 O6'
NAG D-saccharide, beta linking 2-acetamido-2-deoxy-beta-D-glucopyranose 'C8 H15 N O6'
ZN non-polymer 'ZINC ION' 'Zn 2'
#
# COMPACT_ATOMS: atom_id res chain seq x y z
N LYS A 14 25.52 -7.40 -27.22
CA LYS A 14 24.08 -7.75 -27.29
C LYS A 14 23.23 -6.83 -26.39
N HIS A 15 21.99 -6.59 -26.80
CA HIS A 15 21.03 -5.84 -25.96
C HIS A 15 20.01 -6.81 -25.44
N ASN A 16 20.28 -7.36 -24.27
CA ASN A 16 19.42 -8.35 -23.67
C ASN A 16 19.26 -7.94 -22.23
N MET A 17 18.67 -8.80 -21.41
CA MET A 17 18.38 -8.40 -20.08
C MET A 17 19.68 -8.19 -19.27
N LYS A 18 20.67 -9.06 -19.47
CA LYS A 18 21.98 -8.92 -18.81
C LYS A 18 22.64 -7.55 -19.06
N ALA A 19 22.67 -7.09 -20.31
CA ALA A 19 23.07 -5.72 -20.63
C ALA A 19 22.28 -4.64 -19.84
N PHE A 20 20.96 -4.79 -19.79
CA PHE A 20 20.16 -3.86 -18.97
C PHE A 20 20.64 -3.88 -17.50
N LEU A 21 20.69 -5.07 -16.96
CA LEU A 21 20.98 -5.27 -15.59
C LEU A 21 22.41 -4.81 -15.18
N ASP A 22 23.40 -4.99 -16.08
CA ASP A 22 24.81 -4.73 -15.73
C ASP A 22 25.03 -3.25 -15.69
N GLU A 23 24.20 -2.51 -16.40
CA GLU A 23 24.34 -1.10 -16.54
C GLU A 23 23.88 -0.34 -15.28
N LEU A 24 22.99 -0.98 -14.50
CA LEU A 24 22.58 -0.45 -13.20
C LEU A 24 23.76 -0.40 -12.21
N LYS A 25 23.96 0.73 -11.52
CA LYS A 25 25.03 0.88 -10.53
C LYS A 25 24.53 1.33 -9.16
N ALA A 26 24.98 0.69 -8.09
CA ALA A 26 24.64 1.06 -6.74
C ALA A 26 25.07 2.50 -6.45
N GLU A 27 26.20 2.91 -7.03
CA GLU A 27 26.74 4.28 -6.82
C GLU A 27 25.81 5.33 -7.38
N ASN A 28 25.18 5.05 -8.53
CA ASN A 28 24.22 6.02 -9.11
C ASN A 28 22.98 6.17 -8.25
N ILE A 29 22.50 5.06 -7.73
CA ILE A 29 21.30 5.05 -6.86
C ILE A 29 21.60 5.85 -5.54
N LYS A 30 22.80 5.63 -4.95
CA LYS A 30 23.28 6.44 -3.82
C LYS A 30 23.19 7.92 -4.12
N LYS A 31 23.81 8.34 -5.22
CA LYS A 31 23.84 9.76 -5.64
C LYS A 31 22.44 10.36 -5.84
N PHE A 32 21.56 9.61 -6.50
CA PHE A 32 20.16 10.05 -6.68
C PHE A 32 19.46 10.15 -5.34
N LEU A 33 19.65 9.19 -4.45
CA LEU A 33 19.01 9.23 -3.16
C LEU A 33 19.42 10.49 -2.39
N TYR A 34 20.74 10.75 -2.33
CA TYR A 34 21.27 11.96 -1.73
C TYR A 34 20.61 13.20 -2.34
N ASN A 35 20.57 13.26 -3.66
CA ASN A 35 19.99 14.39 -4.36
C ASN A 35 18.48 14.64 -4.08
N PHE A 36 17.71 13.55 -3.82
CA PHE A 36 16.25 13.65 -3.69
C PHE A 36 15.82 13.90 -2.25
N THR A 37 16.77 13.91 -1.30
CA THR A 37 16.45 13.89 0.14
C THR A 37 17.04 15.07 0.96
N GLN A 38 17.58 16.08 0.28
CA GLN A 38 18.19 17.25 0.96
C GLN A 38 17.19 18.24 1.52
N ILE A 39 16.03 18.37 0.85
CA ILE A 39 14.95 19.24 1.34
C ILE A 39 13.65 18.44 1.41
N PRO A 40 12.65 18.95 2.16
CA PRO A 40 11.36 18.27 2.11
C PRO A 40 10.65 18.39 0.74
N HIS A 41 9.86 17.37 0.38
CA HIS A 41 9.11 17.39 -0.87
C HIS A 41 7.65 17.03 -0.69
N LEU A 42 7.01 17.78 0.19
CA LEU A 42 5.61 17.60 0.53
C LEU A 42 4.70 17.81 -0.68
N ALA A 43 3.74 16.90 -0.89
CA ALA A 43 2.79 17.07 -2.01
C ALA A 43 2.24 18.48 -1.96
N GLY A 44 2.14 19.09 -3.14
CA GLY A 44 1.48 20.37 -3.24
C GLY A 44 2.39 21.57 -2.94
N THR A 45 3.65 21.35 -2.61
CA THR A 45 4.51 22.47 -2.29
C THR A 45 5.41 22.80 -3.47
N GLU A 46 5.99 24.01 -3.48
CA GLU A 46 6.84 24.42 -4.58
C GLU A 46 8.05 23.52 -4.75
N GLN A 47 8.66 23.09 -3.64
CA GLN A 47 9.85 22.24 -3.73
C GLN A 47 9.56 20.88 -4.43
N ASN A 48 8.38 20.33 -4.20
CA ASN A 48 8.01 19.11 -4.95
C ASN A 48 7.70 19.37 -6.45
N PHE A 49 7.17 20.55 -6.79
CA PHE A 49 7.02 20.95 -8.18
C PHE A 49 8.42 21.10 -8.79
N GLN A 50 9.36 21.72 -8.06
CA GLN A 50 10.76 21.88 -8.56
C GLN A 50 11.39 20.51 -8.87
N LEU A 51 11.25 19.57 -7.93
CA LEU A 51 11.79 18.24 -8.11
C LEU A 51 11.11 17.51 -9.30
N ALA A 52 9.78 17.62 -9.42
CA ALA A 52 9.10 17.11 -10.66
C ALA A 52 9.75 17.60 -11.95
N LYS A 53 9.97 18.91 -12.03
CA LYS A 53 10.63 19.48 -13.21
C LYS A 53 12.06 18.97 -13.42
N GLN A 54 12.79 18.76 -12.32
CA GLN A 54 14.13 18.14 -12.44
C GLN A 54 14.04 16.70 -12.95
N ILE A 55 13.17 15.88 -12.34
CA ILE A 55 13.01 14.52 -12.81
C ILE A 55 12.64 14.52 -14.30
N GLN A 56 11.73 15.42 -14.70
CA GLN A 56 11.30 15.46 -16.10
C GLN A 56 12.51 15.79 -16.99
N SER A 57 13.29 16.80 -16.60
CA SER A 57 14.48 17.14 -17.39
C SER A 57 15.49 16.00 -17.49
N GLN A 58 15.75 15.30 -16.38
CA GLN A 58 16.71 14.19 -16.41
C GLN A 58 16.24 12.97 -17.19
N TRP A 59 14.96 12.63 -17.08
CA TRP A 59 14.45 11.52 -17.89
C TRP A 59 14.53 11.84 -19.40
N LYS A 60 14.33 13.07 -19.82
CA LYS A 60 14.64 13.48 -21.22
C LYS A 60 16.12 13.32 -21.56
N GLU A 61 17.01 13.93 -20.76
CA GLU A 61 18.46 13.70 -20.90
C GLU A 61 18.78 12.19 -20.96
N PHE A 62 18.15 11.38 -20.12
CA PHE A 62 18.45 9.91 -20.10
C PHE A 62 18.04 9.18 -21.40
N GLY A 63 17.23 9.81 -22.24
CA GLY A 63 16.86 9.18 -23.52
C GLY A 63 15.39 8.86 -23.82
N LEU A 64 14.48 9.11 -22.86
CA LEU A 64 13.07 8.77 -23.11
C LEU A 64 12.52 9.57 -24.27
N ASP A 65 11.61 8.97 -25.03
CA ASP A 65 11.00 9.59 -26.21
C ASP A 65 10.17 10.77 -25.86
N SER A 66 9.45 10.71 -24.74
CA SER A 66 8.75 11.92 -24.32
C SER A 66 8.62 11.87 -22.80
N VAL A 67 8.55 13.05 -22.20
CA VAL A 67 8.43 13.19 -20.75
C VAL A 67 7.61 14.41 -20.47
N GLU A 68 6.47 14.15 -19.85
CA GLU A 68 5.49 15.18 -19.62
C GLU A 68 5.12 15.28 -18.15
N LEU A 69 4.67 16.46 -17.74
CA LEU A 69 3.98 16.58 -16.45
C LEU A 69 2.44 16.48 -16.62
N ALA A 70 1.77 15.64 -15.85
CA ALA A 70 0.30 15.63 -15.84
C ALA A 70 -0.09 16.16 -14.48
N HIS A 71 -0.79 17.27 -14.44
CA HIS A 71 -1.15 17.92 -13.19
C HIS A 71 -2.66 17.81 -12.94
N TYR A 72 -3.08 17.93 -11.69
CA TYR A 72 -4.45 17.80 -11.24
C TYR A 72 -4.59 18.73 -10.08
N ASP A 73 -5.82 19.19 -9.83
CA ASP A 73 -6.16 19.93 -8.59
C ASP A 73 -6.99 19.13 -7.66
N VAL A 74 -6.32 18.66 -6.59
CA VAL A 74 -6.93 17.70 -5.68
C VAL A 74 -7.04 18.26 -4.21
N LEU A 75 -7.89 17.65 -3.40
CA LEU A 75 -8.02 18.02 -1.99
C LEU A 75 -6.80 17.52 -1.25
N LEU A 76 -6.02 18.45 -0.65
CA LEU A 76 -4.88 18.06 0.23
C LEU A 76 -5.24 18.69 1.58
N SER A 77 -4.35 18.58 2.57
CA SER A 77 -4.59 18.96 3.97
C SER A 77 -3.27 19.34 4.60
N TYR A 78 -3.29 20.48 5.31
CA TYR A 78 -2.09 21.02 5.96
C TYR A 78 -2.43 21.63 7.31
N PRO A 79 -1.50 21.54 8.25
CA PRO A 79 -1.64 22.28 9.52
C PRO A 79 -1.62 23.76 9.23
N ASN A 80 -2.28 24.53 10.10
CA ASN A 80 -2.15 25.97 10.14
C ASN A 80 -0.80 26.40 10.76
N LYS A 81 0.08 26.93 9.92
CA LYS A 81 1.35 27.53 10.33
C LYS A 81 1.33 28.48 11.54
N THR A 82 0.27 29.27 11.69
CA THR A 82 0.20 30.24 12.79
C THR A 82 -0.75 29.78 13.88
N HIS A 83 -1.21 28.54 13.80
CA HIS A 83 -2.16 28.06 14.76
C HIS A 83 -1.98 26.55 14.97
N PRO A 84 -0.90 26.16 15.66
CA PRO A 84 -0.46 24.75 15.77
C PRO A 84 -1.37 23.76 16.48
N ASN A 85 -1.33 22.53 15.98
CA ASN A 85 -2.13 21.47 16.56
C ASN A 85 -1.43 20.96 17.80
N TYR A 86 -2.21 20.64 18.83
CA TYR A 86 -1.65 19.94 19.98
C TYR A 86 -2.74 19.39 20.86
N ILE A 87 -2.32 18.58 21.81
CA ILE A 87 -3.19 17.98 22.79
C ILE A 87 -2.71 18.43 24.20
N SER A 88 -3.67 18.56 25.10
CA SER A 88 -3.44 18.98 26.48
C SER A 88 -4.09 18.03 27.46
N ILE A 89 -3.45 17.85 28.62
CA ILE A 89 -4.22 17.44 29.81
C ILE A 89 -4.67 18.75 30.44
N ILE A 90 -5.98 18.84 30.65
CA ILE A 90 -6.61 20.05 31.15
C ILE A 90 -7.16 19.80 32.58
N ASN A 91 -6.73 20.60 33.54
CA ASN A 91 -7.25 20.44 34.90
C ASN A 91 -8.67 20.98 35.00
N GLU A 92 -9.31 20.75 36.14
CA GLU A 92 -10.70 21.16 36.40
C GLU A 92 -11.06 22.66 36.23
N ASP A 93 -10.08 23.55 36.36
CA ASP A 93 -10.31 24.98 36.11
C ASP A 93 -10.04 25.34 34.63
N GLY A 94 -9.67 24.33 33.86
CA GLY A 94 -9.36 24.52 32.44
C GLY A 94 -7.98 25.09 32.26
N ASN A 95 -7.06 24.74 33.17
CA ASN A 95 -5.65 25.03 32.95
C ASN A 95 -5.05 23.85 32.20
N GLU A 96 -4.27 24.16 31.17
CA GLU A 96 -3.59 23.13 30.39
C GLU A 96 -2.26 22.85 31.05
N ILE A 97 -2.22 21.75 31.79
CA ILE A 97 -1.09 21.36 32.65
C ILE A 97 -0.07 20.48 31.93
N PHE A 98 -0.46 19.92 30.79
CA PHE A 98 0.48 19.21 29.92
C PHE A 98 0.15 19.50 28.48
N ASN A 99 1.18 19.79 27.70
CA ASN A 99 1.04 20.03 26.28
C ASN A 99 1.90 19.08 25.50
N THR A 100 1.31 18.35 24.52
CA THR A 100 2.14 17.57 23.58
C THR A 100 3.00 18.53 22.74
N SER A 101 4.09 18.02 22.17
CA SER A 101 5.01 18.79 21.32
C SER A 101 4.43 19.40 20.02
N LEU A 102 4.99 20.53 19.63
CA LEU A 102 4.58 21.23 18.42
C LEU A 102 5.40 20.77 17.20
N PHE A 103 6.54 20.08 17.42
CA PHE A 103 7.35 19.55 16.33
C PHE A 103 8.21 18.44 16.87
N GLU A 104 8.76 17.59 15.99
CA GLU A 104 9.81 16.64 16.35
C GLU A 104 11.14 17.34 16.38
N PRO A 105 11.97 17.06 17.41
CA PRO A 105 13.30 17.64 17.49
C PRO A 105 14.00 17.25 16.17
N PRO A 106 14.41 18.24 15.39
CA PRO A 106 15.00 17.93 14.12
C PRO A 106 16.33 17.23 14.31
N PRO A 107 16.69 16.36 13.34
CA PRO A 107 17.92 15.58 13.39
C PRO A 107 19.18 16.47 13.20
N PRO A 108 20.37 15.99 13.66
CA PRO A 108 21.63 16.74 13.51
C PRO A 108 21.88 17.26 12.11
N GLY A 109 22.14 18.57 12.01
CA GLY A 109 22.48 19.17 10.72
C GLY A 109 21.29 19.76 9.95
N TYR A 110 20.07 19.42 10.39
CA TYR A 110 18.78 19.86 9.75
C TYR A 110 17.95 20.75 10.67
N GLU A 111 18.52 21.10 11.82
CA GLU A 111 17.79 21.90 12.79
C GLU A 111 17.58 23.34 12.25
N ASN A 112 18.04 23.59 11.01
CA ASN A 112 17.73 24.85 10.29
C ASN A 112 17.00 24.69 8.92
N VAL A 113 16.66 23.46 8.55
CA VAL A 113 15.76 23.28 7.42
C VAL A 113 14.41 24.01 7.69
N SER A 114 13.97 24.81 6.73
CA SER A 114 12.61 25.33 6.86
C SER A 114 11.61 24.38 6.16
N ASP A 115 10.32 24.59 6.47
CA ASP A 115 9.28 23.95 5.73
C ASP A 115 9.18 22.49 6.10
N ILE A 116 9.68 22.11 7.29
CA ILE A 116 9.38 20.78 7.81
C ILE A 116 7.95 20.76 8.38
N VAL A 117 7.01 20.11 7.68
CA VAL A 117 5.64 19.99 8.23
C VAL A 117 5.66 19.26 9.59
N PRO A 118 5.10 19.88 10.66
CA PRO A 118 5.03 19.22 11.97
C PRO A 118 4.12 18.02 11.87
N PRO A 119 4.26 17.04 12.79
CA PRO A 119 3.32 15.92 12.75
C PRO A 119 1.84 16.33 12.76
N PHE A 120 1.07 15.66 11.91
CA PHE A 120 -0.35 15.84 11.86
C PHE A 120 -0.97 14.64 11.12
N SER A 121 -2.29 14.46 11.32
CA SER A 121 -3.12 13.49 10.60
C SER A 121 -3.81 14.17 9.42
N ALA A 122 -3.30 13.97 8.21
CA ALA A 122 -3.90 14.59 7.02
C ALA A 122 -5.38 14.27 6.91
N PHE A 123 -6.17 15.34 6.77
CA PHE A 123 -7.65 15.32 6.57
C PHE A 123 -8.46 15.32 7.88
N SER A 124 -7.79 15.29 9.05
CA SER A 124 -8.53 15.62 10.30
C SER A 124 -9.37 16.88 10.10
N PRO A 125 -10.63 16.82 10.57
CA PRO A 125 -11.40 18.05 10.67
C PRO A 125 -10.86 18.87 11.84
N GLN A 126 -11.15 20.16 11.84
CA GLN A 126 -10.88 21.05 12.96
C GLN A 126 -11.77 20.74 14.14
N GLY A 127 -11.28 21.02 15.33
CA GLY A 127 -12.03 20.74 16.55
C GLY A 127 -11.16 20.91 17.79
N MET A 128 -11.83 21.07 18.93
CA MET A 128 -11.21 21.13 20.25
C MET A 128 -11.98 20.25 21.25
N PRO A 129 -12.27 19.00 20.88
CA PRO A 129 -12.99 18.12 21.81
C PRO A 129 -12.20 17.87 23.12
N GLU A 130 -12.93 17.73 24.23
CA GLU A 130 -12.33 17.37 25.53
C GLU A 130 -13.21 16.35 26.18
N GLY A 131 -12.58 15.42 26.87
CA GLY A 131 -13.30 14.34 27.49
C GLY A 131 -12.34 13.37 28.08
N ASP A 132 -12.81 12.16 28.34
CA ASP A 132 -12.03 11.16 29.03
C ASP A 132 -11.48 10.18 28.03
N LEU A 133 -10.27 9.72 28.31
CA LEU A 133 -9.60 8.75 27.47
C LEU A 133 -10.15 7.36 27.65
N VAL A 134 -10.18 6.62 26.54
CA VAL A 134 -10.29 5.18 26.55
C VAL A 134 -9.14 4.68 25.67
N TYR A 135 -8.44 3.69 26.16
CA TYR A 135 -7.34 3.12 25.45
C TYR A 135 -7.80 1.83 24.75
N VAL A 136 -7.60 1.80 23.43
CA VAL A 136 -8.27 0.84 22.54
C VAL A 136 -7.24 -0.05 21.85
N ASN A 137 -6.06 -0.18 22.45
CA ASN A 137 -5.03 -1.04 21.90
C ASN A 137 -4.72 -0.54 20.45
N TYR A 138 -4.66 -1.45 19.45
CA TYR A 138 -4.43 -1.07 18.03
C TYR A 138 -5.65 -0.50 17.29
N ALA A 139 -6.77 -0.39 17.99
CA ALA A 139 -8.06 0.04 17.46
C ALA A 139 -8.54 -0.80 16.24
N ARG A 140 -8.11 -2.07 16.21
CA ARG A 140 -8.64 -3.08 15.27
C ARG A 140 -10.11 -3.38 15.48
N THR A 141 -10.80 -3.86 14.44
CA THR A 141 -12.15 -4.40 14.58
C THR A 141 -12.25 -5.32 15.84
N GLU A 142 -11.35 -6.30 15.96
CA GLU A 142 -11.41 -7.20 17.12
C GLU A 142 -11.17 -6.50 18.48
N ASP A 143 -10.37 -5.42 18.51
CA ASP A 143 -10.12 -4.68 19.77
C ASP A 143 -11.38 -3.94 20.20
N PHE A 144 -12.15 -3.42 19.23
CA PHE A 144 -13.47 -2.84 19.57
C PHE A 144 -14.54 -3.84 19.98
N PHE A 145 -14.52 -5.02 19.34
CA PHE A 145 -15.32 -6.19 19.79
C PHE A 145 -15.04 -6.53 21.29
N LYS A 146 -13.78 -6.80 21.64
CA LYS A 146 -13.31 -7.01 23.01
C LYS A 146 -13.79 -5.97 24.02
N LEU A 147 -13.66 -4.68 23.67
CA LEU A 147 -14.03 -3.57 24.52
C LEU A 147 -15.52 -3.52 24.81
N GLU A 148 -16.29 -3.49 23.72
CA GLU A 148 -17.70 -3.21 23.77
C GLU A 148 -18.49 -4.47 24.12
N ARG A 149 -18.12 -5.58 23.48
CA ARG A 149 -18.84 -6.85 23.64
C ARG A 149 -18.50 -7.53 24.94
N ASP A 150 -17.20 -7.70 25.20
CA ASP A 150 -16.72 -8.48 26.33
C ASP A 150 -16.58 -7.63 27.60
N MET A 151 -15.99 -6.44 27.47
CA MET A 151 -15.66 -5.63 28.63
C MET A 151 -16.77 -4.66 28.95
N LYS A 152 -17.75 -4.61 28.06
CA LYS A 152 -18.86 -3.67 28.13
C LYS A 152 -18.40 -2.22 28.41
N ILE A 153 -17.34 -1.80 27.69
CA ILE A 153 -16.86 -0.43 27.78
C ILE A 153 -17.43 0.37 26.64
N ASN A 154 -17.86 1.58 26.95
CA ASN A 154 -18.55 2.38 25.97
C ASN A 154 -17.68 3.54 25.51
N CYS A 155 -17.38 3.59 24.19
CA CYS A 155 -16.54 4.66 23.64
C CYS A 155 -17.32 5.89 23.24
N SER A 156 -18.64 5.82 23.31
CA SER A 156 -19.46 6.98 22.97
C SER A 156 -19.07 8.28 23.73
N GLY A 157 -18.83 9.36 22.99
CA GLY A 157 -18.37 10.63 23.57
C GLY A 157 -16.98 10.60 24.20
N LYS A 158 -16.24 9.50 24.04
CA LYS A 158 -14.88 9.42 24.62
C LYS A 158 -13.82 9.84 23.57
N ILE A 159 -12.60 10.10 24.04
CA ILE A 159 -11.47 10.33 23.16
C ILE A 159 -10.69 9.03 23.22
N VAL A 160 -10.53 8.39 22.07
CA VAL A 160 -9.82 7.14 22.08
C VAL A 160 -8.34 7.42 21.85
N ILE A 161 -7.51 6.70 22.57
CA ILE A 161 -6.10 6.76 22.28
C ILE A 161 -5.74 5.37 21.79
N ALA A 162 -5.14 5.32 20.60
CA ALA A 162 -4.77 4.04 20.05
C ALA A 162 -3.30 4.02 19.67
N ARG A 163 -2.66 2.88 19.85
CA ARG A 163 -1.35 2.69 19.29
C ARG A 163 -1.33 2.31 17.79
N TYR A 164 -0.43 2.96 17.06
CA TYR A 164 -0.13 2.62 15.68
C TYR A 164 0.35 1.16 15.61
N GLY A 165 0.16 0.51 14.46
CA GLY A 165 0.62 -0.87 14.22
C GLY A 165 -0.53 -1.75 13.72
N LYS A 166 -0.17 -2.87 13.07
CA LYS A 166 -1.11 -3.98 12.72
C LYS A 166 -1.97 -3.70 11.50
N VAL A 167 -2.63 -2.54 11.52
CA VAL A 167 -3.58 -2.13 10.49
C VAL A 167 -3.36 -0.66 10.06
N PHE A 168 -3.80 -0.35 8.83
CA PHE A 168 -3.87 1.03 8.33
C PHE A 168 -4.59 1.96 9.31
N ARG A 169 -3.95 3.10 9.59
CA ARG A 169 -4.50 4.11 10.55
C ARG A 169 -5.89 4.65 10.21
N GLY A 170 -6.25 4.67 8.92
CA GLY A 170 -7.61 5.06 8.57
C GLY A 170 -8.70 4.11 9.06
N ASN A 171 -8.38 2.81 9.07
CA ASN A 171 -9.31 1.83 9.62
C ASN A 171 -9.57 2.06 11.11
N LYS A 172 -8.50 2.36 11.86
CA LYS A 172 -8.57 2.70 13.31
C LYS A 172 -9.50 3.88 13.52
N VAL A 173 -9.30 4.95 12.73
CA VAL A 173 -10.14 6.15 12.86
C VAL A 173 -11.60 5.84 12.47
N LYS A 174 -11.80 5.06 11.39
CA LYS A 174 -13.16 4.59 11.03
C LYS A 174 -13.76 3.76 12.15
N ASN A 175 -12.98 2.83 12.70
CA ASN A 175 -13.50 1.95 13.79
C ASN A 175 -13.86 2.82 15.03
N ALA A 176 -12.99 3.77 15.37
CA ALA A 176 -13.25 4.70 16.50
C ALA A 176 -14.51 5.53 16.29
N GLN A 177 -14.65 6.08 15.09
CA GLN A 177 -15.78 6.88 14.72
C GLN A 177 -17.10 6.07 14.88
N LEU A 178 -17.12 4.81 14.42
CA LEU A 178 -18.33 3.98 14.50
C LEU A 178 -18.64 3.43 15.90
N ALA A 179 -17.61 3.32 16.74
CA ALA A 179 -17.81 3.17 18.20
C ALA A 179 -18.29 4.50 18.87
N GLY A 180 -18.50 5.55 18.10
CA GLY A 180 -18.99 6.79 18.71
C GLY A 180 -17.97 7.71 19.40
N ALA A 181 -16.67 7.42 19.28
CA ALA A 181 -15.61 8.34 19.77
C ALA A 181 -15.77 9.77 19.30
N LYS A 182 -15.27 10.73 20.09
CA LYS A 182 -15.29 12.11 19.63
C LYS A 182 -13.91 12.67 19.20
N GLY A 183 -12.89 11.84 19.22
CA GLY A 183 -11.56 12.27 18.86
C GLY A 183 -10.67 11.06 18.92
N VAL A 184 -9.58 11.06 18.15
CA VAL A 184 -8.64 9.96 18.16
C VAL A 184 -7.23 10.50 18.31
N ILE A 185 -6.47 9.83 19.17
CA ILE A 185 -5.06 10.15 19.37
C ILE A 185 -4.28 8.92 19.03
N LEU A 186 -3.34 9.06 18.12
CA LEU A 186 -2.52 7.93 17.66
C LEU A 186 -1.11 8.13 18.20
N TYR A 187 -0.49 7.06 18.70
CA TYR A 187 0.89 7.24 19.16
C TYR A 187 1.65 6.04 18.74
N SER A 188 2.98 6.17 18.65
CA SER A 188 3.88 5.03 18.43
C SER A 188 4.46 4.40 19.74
N ASP A 189 4.13 3.13 19.94
CA ASP A 189 4.54 2.42 21.15
C ASP A 189 5.89 1.79 20.90
N PRO A 190 6.85 1.92 21.88
CA PRO A 190 8.11 1.21 21.67
C PRO A 190 7.93 -0.30 21.44
N ALA A 191 6.83 -0.88 21.88
CA ALA A 191 6.65 -2.32 21.61
C ALA A 191 6.66 -2.57 20.09
N ASP A 192 6.07 -1.65 19.33
CA ASP A 192 5.96 -1.78 17.87
C ASP A 192 7.05 -1.01 17.14
N TYR A 193 7.57 0.07 17.72
CA TYR A 193 8.49 0.93 16.95
C TYR A 193 9.90 1.13 17.53
N PHE A 194 10.28 0.24 18.46
CA PHE A 194 11.61 0.29 19.09
C PHE A 194 12.08 -1.17 19.23
N ALA A 195 12.94 -1.60 18.32
CA ALA A 195 13.57 -2.92 18.35
C ALA A 195 14.57 -3.03 19.54
N PRO A 196 14.45 -4.10 20.35
CA PRO A 196 15.43 -4.39 21.43
C PRO A 196 16.89 -4.27 20.99
N GLY A 197 17.69 -3.57 21.78
CA GLY A 197 19.13 -3.57 21.60
C GLY A 197 19.66 -2.66 20.51
N VAL A 198 18.78 -1.86 19.89
CA VAL A 198 19.29 -0.87 18.94
C VAL A 198 18.97 0.55 19.37
N LYS A 199 19.83 1.48 19.00
CA LYS A 199 19.77 2.87 19.47
C LYS A 199 18.85 3.72 18.58
N SER A 200 18.13 4.64 19.23
CA SER A 200 17.37 5.73 18.65
C SER A 200 18.17 6.53 17.68
N TYR A 201 17.47 7.07 16.66
CA TYR A 201 18.08 8.00 15.74
C TYR A 201 18.64 9.21 16.54
N PRO A 202 19.82 9.75 16.17
CA PRO A 202 20.81 9.55 15.07
C PRO A 202 21.89 8.47 15.18
N ASP A 203 21.82 7.62 16.19
CA ASP A 203 22.93 6.72 16.47
C ASP A 203 22.56 5.28 16.16
N GLY A 204 21.28 5.09 15.79
CA GLY A 204 20.72 3.83 15.29
C GLY A 204 19.45 4.08 14.49
N TRP A 205 18.74 3.00 14.17
CA TRP A 205 17.52 3.13 13.35
C TRP A 205 16.22 3.15 14.13
N ASN A 206 16.32 3.19 15.47
CA ASN A 206 15.11 3.20 16.33
C ASN A 206 14.43 4.55 16.40
N LEU A 207 13.15 4.53 16.76
CA LEU A 207 12.37 5.73 16.93
C LEU A 207 12.66 6.37 18.28
N PRO A 208 13.02 7.68 18.30
CA PRO A 208 13.13 8.40 19.56
C PRO A 208 11.77 8.70 20.17
N GLY A 209 11.73 8.97 21.46
CA GLY A 209 10.41 9.24 22.13
C GLY A 209 9.75 10.52 21.66
N GLY A 210 10.51 11.37 21.00
CA GLY A 210 9.96 12.60 20.42
C GLY A 210 9.53 12.43 18.93
N GLY A 211 9.86 11.28 18.34
CA GLY A 211 9.52 10.91 16.92
C GLY A 211 8.04 10.62 16.79
N VAL A 212 7.48 11.06 15.67
CA VAL A 212 6.03 10.91 15.36
C VAL A 212 5.82 10.43 13.89
N GLN A 213 4.88 9.50 13.69
CA GLN A 213 4.52 9.02 12.36
C GLN A 213 3.39 9.90 11.82
N ARG A 214 3.68 10.67 10.79
CA ARG A 214 2.58 11.28 10.02
C ARG A 214 1.76 10.22 9.23
N GLY A 215 0.61 10.64 8.67
CA GLY A 215 -0.08 9.91 7.64
C GLY A 215 -1.53 10.31 7.50
N ASN A 216 -2.08 10.20 6.29
CA ASN A 216 -3.51 10.52 6.18
C ASN A 216 -4.35 9.45 6.88
N ILE A 217 -5.58 9.80 7.17
CA ILE A 217 -6.51 8.93 7.86
C ILE A 217 -7.82 8.84 7.08
N LEU A 218 -7.73 8.97 5.75
CA LEU A 218 -8.90 8.85 4.88
C LEU A 218 -9.34 7.41 4.75
N ASN A 219 -10.62 7.22 4.45
CA ASN A 219 -11.14 5.88 4.01
C ASN A 219 -11.74 6.07 2.64
N LEU A 220 -10.85 6.15 1.66
CA LEU A 220 -11.24 6.38 0.28
C LEU A 220 -11.76 5.14 -0.46
N ASN A 221 -11.36 3.95 -0.04
CA ASN A 221 -11.78 2.74 -0.79
C ASN A 221 -11.55 2.87 -2.31
N GLY A 222 -10.40 3.46 -2.67
CA GLY A 222 -10.07 3.53 -4.05
C GLY A 222 -10.48 4.74 -4.83
N ALA A 223 -11.22 5.67 -4.22
CA ALA A 223 -11.81 6.79 -4.96
C ALA A 223 -10.81 7.79 -5.59
N GLY A 224 -9.62 7.90 -5.04
CA GLY A 224 -8.70 8.97 -5.39
C GLY A 224 -9.12 10.28 -4.71
N ASP A 225 -8.96 11.40 -5.40
CA ASP A 225 -9.40 12.74 -4.94
C ASP A 225 -10.83 12.70 -4.42
N PRO A 226 -11.01 13.01 -3.12
CA PRO A 226 -12.28 13.03 -2.43
C PRO A 226 -13.39 13.78 -3.17
N LEU A 227 -12.99 14.77 -3.93
CA LEU A 227 -13.94 15.68 -4.59
C LEU A 227 -14.36 15.25 -5.97
N THR A 228 -13.66 14.31 -6.58
CA THR A 228 -13.94 14.03 -8.01
C THR A 228 -13.93 12.49 -8.29
N PRO A 229 -14.64 11.68 -7.47
CA PRO A 229 -14.59 10.20 -7.71
C PRO A 229 -15.05 9.80 -9.12
N GLY A 230 -14.28 8.95 -9.82
CA GLY A 230 -14.68 8.54 -11.17
C GLY A 230 -13.98 9.29 -12.31
N TYR A 231 -13.58 10.53 -12.05
CA TYR A 231 -13.15 11.44 -13.12
C TYR A 231 -11.86 12.20 -12.71
N PRO A 232 -11.00 12.51 -13.67
CA PRO A 232 -9.77 13.24 -13.36
C PRO A 232 -10.07 14.68 -12.88
N ALA A 233 -9.38 15.09 -11.83
CA ALA A 233 -9.48 16.44 -11.23
C ALA A 233 -8.74 17.47 -12.15
N ASN A 234 -9.23 17.59 -13.37
CA ASN A 234 -8.64 18.46 -14.35
C ASN A 234 -9.15 19.88 -14.19
N GLU A 235 -8.88 20.70 -15.18
CA GLU A 235 -9.16 22.14 -15.10
C GLU A 235 -10.67 22.44 -15.07
N TYR A 236 -11.49 21.60 -15.71
CA TYR A 236 -12.93 21.95 -15.75
C TYR A 236 -13.80 21.05 -14.87
N ALA A 237 -13.16 20.28 -13.99
CA ALA A 237 -13.84 19.27 -13.17
C ALA A 237 -14.90 19.90 -12.30
N TYR A 238 -16.04 19.22 -12.15
CA TYR A 238 -17.05 19.61 -11.17
C TYR A 238 -16.66 18.87 -9.89
N ARG A 239 -16.65 19.60 -8.80
CA ARG A 239 -16.21 19.07 -7.54
C ARG A 239 -17.41 18.94 -6.61
N ARG A 240 -17.48 17.82 -5.91
CA ARG A 240 -18.38 17.68 -4.78
C ARG A 240 -18.08 18.77 -3.74
N GLY A 241 -19.14 19.25 -3.11
CA GLY A 241 -19.02 19.99 -1.86
C GLY A 241 -18.31 19.14 -0.81
N ILE A 242 -17.60 19.82 0.06
CA ILE A 242 -16.85 19.18 1.13
C ILE A 242 -17.74 18.18 1.88
N ALA A 243 -19.02 18.50 2.04
CA ALA A 243 -19.92 17.66 2.82
C ALA A 243 -20.27 16.34 2.13
N GLU A 244 -20.12 16.28 0.82
CA GLU A 244 -20.32 15.03 0.09
C GLU A 244 -18.96 14.38 -0.31
N ALA A 245 -17.85 14.92 0.22
CA ALA A 245 -16.54 14.40 -0.15
C ALA A 245 -16.40 12.91 0.25
N VAL A 246 -15.59 12.18 -0.52
CA VAL A 246 -15.34 10.76 -0.25
C VAL A 246 -14.33 10.56 0.92
N GLY A 247 -14.71 9.83 1.95
CA GLY A 247 -13.70 9.29 2.88
C GLY A 247 -13.18 10.15 4.02
N LEU A 248 -13.75 11.35 4.23
CA LEU A 248 -13.25 12.29 5.28
C LEU A 248 -13.66 11.86 6.69
N PRO A 249 -12.73 11.90 7.66
CA PRO A 249 -13.11 11.55 9.04
C PRO A 249 -14.02 12.63 9.63
N SER A 250 -14.89 12.25 10.52
CA SER A 250 -15.80 13.25 11.08
C SER A 250 -15.39 13.70 12.50
N ILE A 251 -14.29 13.14 13.00
CA ILE A 251 -13.77 13.50 14.35
C ILE A 251 -12.29 13.88 14.25
N PRO A 252 -11.83 14.84 15.08
CA PRO A 252 -10.42 15.23 15.08
C PRO A 252 -9.45 14.10 15.44
N VAL A 253 -8.27 14.14 14.81
CA VAL A 253 -7.26 13.07 14.95
C VAL A 253 -5.88 13.73 14.98
N HIS A 254 -5.02 13.25 15.87
CA HIS A 254 -3.65 13.79 15.94
C HIS A 254 -2.69 12.69 16.38
N PRO A 255 -1.48 12.63 15.79
CA PRO A 255 -0.53 11.62 16.20
C PRO A 255 0.60 12.18 17.11
N ILE A 256 1.10 11.35 18.04
CA ILE A 256 2.12 11.77 19.01
C ILE A 256 3.22 10.73 19.17
N GLY A 257 4.33 11.13 19.76
CA GLY A 257 5.41 10.24 20.14
C GLY A 257 5.16 9.54 21.46
N TYR A 258 5.99 8.57 21.77
CA TYR A 258 5.81 7.84 23.03
C TYR A 258 6.23 8.56 24.34
N TYR A 259 7.02 9.64 24.28
CA TYR A 259 7.17 10.54 25.48
C TYR A 259 5.84 11.21 25.81
N ASP A 260 5.20 11.81 24.81
CA ASP A 260 3.90 12.43 25.02
C ASP A 260 2.79 11.45 25.43
N ALA A 261 2.84 10.24 24.89
CA ALA A 261 1.85 9.22 25.12
C ALA A 261 1.96 8.70 26.55
N GLN A 262 3.19 8.51 27.02
CA GLN A 262 3.48 8.15 28.41
C GLN A 262 2.72 9.10 29.35
N LYS A 263 2.85 10.39 29.07
CA LYS A 263 2.22 11.41 29.86
C LYS A 263 0.71 11.29 29.87
N LEU A 264 0.13 10.94 28.71
CA LEU A 264 -1.32 10.78 28.57
C LEU A 264 -1.87 9.45 29.14
N LEU A 265 -1.04 8.41 29.14
CA LEU A 265 -1.52 7.08 29.58
C LEU A 265 -1.25 6.80 31.07
N GLU A 266 -0.23 7.47 31.63
CA GLU A 266 0.24 7.14 33.00
C GLU A 266 -0.87 7.31 34.07
N LYS A 267 -1.70 8.31 33.90
CA LYS A 267 -2.77 8.59 34.85
C LYS A 267 -4.04 7.75 34.65
N MET A 268 -4.08 6.88 33.65
CA MET A 268 -5.36 6.21 33.30
C MET A 268 -5.94 5.15 34.28
N GLY A 269 -7.26 5.29 34.51
CA GLY A 269 -7.96 4.44 35.46
C GLY A 269 -8.91 3.43 34.83
N GLY A 270 -10.08 3.30 35.47
CA GLY A 270 -11.08 2.31 35.10
C GLY A 270 -10.52 0.92 34.99
N SER A 271 -11.12 0.14 34.10
CA SER A 271 -10.80 -1.26 33.92
C SER A 271 -9.36 -1.53 33.47
N ALA A 272 -8.78 -2.64 33.94
CA ALA A 272 -7.43 -3.05 33.55
C ALA A 272 -7.38 -3.61 32.11
N PRO A 273 -6.17 -3.71 31.51
CA PRO A 273 -6.07 -4.33 30.18
C PRO A 273 -6.56 -5.80 30.19
N PRO A 274 -7.42 -6.18 29.21
CA PRO A 274 -8.05 -7.52 29.24
C PRO A 274 -7.00 -8.64 29.22
N ASP A 275 -5.83 -8.36 28.70
CA ASP A 275 -4.73 -9.30 28.70
C ASP A 275 -3.45 -8.63 28.21
N SER A 276 -2.39 -9.43 28.12
CA SER A 276 -1.04 -8.93 27.86
C SER A 276 -0.83 -8.46 26.42
N SER A 277 -1.72 -8.86 25.50
CA SER A 277 -1.64 -8.42 24.09
C SER A 277 -2.06 -6.95 23.97
N TRP A 278 -2.65 -6.43 25.04
CA TRP A 278 -3.05 -5.02 25.15
C TRP A 278 -1.99 -4.11 25.79
N ARG A 279 -0.90 -4.70 26.29
CA ARG A 279 0.16 -3.91 26.95
C ARG A 279 1.30 -3.68 26.00
N GLY A 280 1.64 -2.42 25.78
CA GLY A 280 2.88 -2.08 25.09
C GLY A 280 4.04 -2.10 26.07
N SER A 281 5.11 -1.40 25.73
CA SER A 281 6.36 -1.47 26.47
C SER A 281 6.55 -0.29 27.43
N LEU A 282 5.60 0.63 27.50
CA LEU A 282 5.75 1.80 28.37
C LEU A 282 5.51 1.41 29.84
N LYS A 283 6.14 2.16 30.74
CA LYS A 283 6.05 1.84 32.16
C LYS A 283 4.80 2.51 32.66
N VAL A 284 3.66 2.00 32.16
CA VAL A 284 2.33 2.47 32.51
C VAL A 284 1.41 1.24 32.63
N PRO A 285 0.24 1.41 33.28
CA PRO A 285 -0.62 0.24 33.45
C PRO A 285 -1.37 -0.27 32.18
N TYR A 286 -1.61 0.60 31.20
CA TYR A 286 -2.42 0.23 30.00
C TYR A 286 -3.86 -0.05 30.38
N ASN A 287 -4.33 0.67 31.39
CA ASN A 287 -5.72 0.66 31.78
C ASN A 287 -6.50 1.17 30.58
N VAL A 288 -7.59 0.48 30.30
CA VAL A 288 -8.49 0.86 29.23
C VAL A 288 -9.29 2.10 29.61
N GLY A 289 -9.44 2.37 30.90
CA GLY A 289 -10.19 3.54 31.35
C GLY A 289 -11.65 3.12 31.48
N PRO A 290 -12.59 4.00 31.17
CA PRO A 290 -12.42 5.36 30.66
C PRO A 290 -11.91 6.30 31.76
N GLY A 291 -11.26 7.39 31.39
CA GLY A 291 -10.79 8.39 32.38
C GLY A 291 -9.56 8.01 33.20
N PHE A 292 -9.18 8.92 34.10
CA PHE A 292 -7.96 8.83 34.92
C PHE A 292 -8.28 8.24 36.31
N THR A 293 -7.26 7.73 37.01
CA THR A 293 -7.41 7.25 38.41
C THR A 293 -7.87 8.37 39.36
N GLY A 294 -8.54 7.95 40.44
CA GLY A 294 -9.28 8.86 41.34
C GLY A 294 -8.72 10.23 41.68
N ASN A 295 -7.41 10.32 41.90
CA ASN A 295 -6.81 11.62 42.23
C ASN A 295 -6.90 12.66 41.11
N PHE A 296 -6.78 12.18 39.86
CA PHE A 296 -6.82 13.04 38.68
C PHE A 296 -8.12 12.83 37.89
N SER A 297 -9.19 12.48 38.59
CA SER A 297 -10.41 12.02 37.95
C SER A 297 -11.19 13.17 37.34
N THR A 298 -10.82 14.39 37.72
CA THR A 298 -11.50 15.55 37.14
C THR A 298 -10.65 16.20 36.06
N GLN A 299 -9.42 15.70 35.88
CA GLN A 299 -8.61 16.07 34.72
C GLN A 299 -9.22 15.45 33.43
N LYS A 300 -9.10 16.20 32.32
CA LYS A 300 -9.58 15.76 30.99
C LYS A 300 -8.47 15.91 29.96
N VAL A 301 -8.71 15.35 28.77
CA VAL A 301 -7.79 15.46 27.63
C VAL A 301 -8.43 16.38 26.63
N LYS A 302 -7.67 17.34 26.10
CA LYS A 302 -8.23 18.26 25.15
C LYS A 302 -7.38 18.34 23.89
N MET A 303 -8.01 18.13 22.73
CA MET A 303 -7.31 18.22 21.44
C MET A 303 -7.46 19.62 20.88
N HIS A 304 -6.46 20.09 20.14
CA HIS A 304 -6.59 21.37 19.43
C HIS A 304 -6.21 21.17 17.98
N ILE A 305 -7.20 21.06 17.11
CA ILE A 305 -6.87 20.70 15.72
C ILE A 305 -7.39 21.80 14.81
N HIS A 306 -6.48 22.37 14.05
CA HIS A 306 -6.78 23.52 13.17
C HIS A 306 -6.34 23.36 11.71
N SER A 307 -6.00 22.13 11.32
CA SER A 307 -5.55 21.83 9.96
C SER A 307 -6.65 22.24 8.98
N THR A 308 -6.27 22.61 7.75
CA THR A 308 -7.27 22.91 6.71
C THR A 308 -7.11 22.03 5.46
N ASN A 309 -8.24 21.70 4.86
CA ASN A 309 -8.30 20.95 3.61
C ASN A 309 -8.37 21.98 2.48
N GLU A 310 -7.51 21.84 1.48
CA GLU A 310 -7.45 22.79 0.40
C GLU A 310 -7.16 22.14 -0.94
N VAL A 311 -7.85 22.60 -1.96
CA VAL A 311 -7.62 22.12 -3.32
C VAL A 311 -6.28 22.71 -3.80
N THR A 312 -5.37 21.82 -4.21
CA THR A 312 -3.96 22.14 -4.39
C THR A 312 -3.50 21.36 -5.65
N ARG A 313 -2.59 21.96 -6.44
CA ARG A 313 -2.19 21.36 -7.70
C ARG A 313 -1.05 20.38 -7.43
N ILE A 314 -1.08 19.23 -8.10
CA ILE A 314 -0.06 18.18 -7.94
C ILE A 314 0.45 17.80 -9.34
N TYR A 315 1.60 17.15 -9.42
CA TYR A 315 2.26 16.91 -10.67
C TYR A 315 2.83 15.52 -10.76
N ASN A 316 2.33 14.74 -11.72
CA ASN A 316 2.97 13.47 -12.04
C ASN A 316 3.92 13.72 -13.20
N VAL A 317 5.06 13.03 -13.17
CA VAL A 317 5.95 12.94 -14.32
C VAL A 317 5.71 11.60 -15.01
N ILE A 318 5.40 11.67 -16.28
CA ILE A 318 5.06 10.51 -17.16
C ILE A 318 6.08 10.47 -18.26
N GLY A 319 6.97 9.47 -18.22
CA GLY A 319 7.96 9.25 -19.29
C GLY A 319 7.57 8.06 -20.17
N THR A 320 7.85 8.15 -21.47
CA THR A 320 7.47 7.14 -22.44
C THR A 320 8.68 6.69 -23.22
N LEU A 321 8.87 5.38 -23.22
CA LEU A 321 9.80 4.74 -24.09
C LEU A 321 9.01 3.88 -25.10
N ARG A 322 8.75 4.41 -26.30
CA ARG A 322 7.98 3.68 -27.33
C ARG A 322 8.52 2.27 -27.70
N GLY A 323 7.62 1.28 -27.70
CA GLY A 323 7.93 -0.07 -28.15
C GLY A 323 8.16 -0.20 -29.66
N ALA A 324 9.07 -1.07 -30.03
CA ALA A 324 9.47 -1.25 -31.45
C ALA A 324 8.40 -2.03 -32.21
N VAL A 325 7.82 -3.04 -31.56
CA VAL A 325 6.88 -3.98 -32.22
C VAL A 325 5.42 -3.76 -31.75
N GLU A 326 5.22 -3.68 -30.43
CA GLU A 326 3.89 -3.41 -29.88
C GLU A 326 3.79 -2.11 -29.08
N PRO A 327 3.83 -0.97 -29.78
CA PRO A 327 3.78 0.35 -29.13
C PRO A 327 2.46 0.64 -28.36
N ASP A 328 1.42 -0.12 -28.69
CA ASP A 328 0.12 0.03 -28.07
C ASP A 328 -0.06 -1.00 -26.96
N ARG A 329 1.05 -1.53 -26.42
CA ARG A 329 1.04 -2.32 -25.21
C ARG A 329 1.96 -1.65 -24.21
N TYR A 330 1.47 -1.52 -22.97
CA TYR A 330 2.09 -0.64 -21.94
C TYR A 330 2.49 -1.42 -20.74
N VAL A 331 3.77 -1.36 -20.42
CA VAL A 331 4.33 -1.89 -19.19
C VAL A 331 4.70 -0.63 -18.37
N ILE A 332 4.16 -0.55 -17.15
CA ILE A 332 4.26 0.65 -16.36
C ILE A 332 5.13 0.37 -15.13
N LEU A 333 6.15 1.20 -14.95
CA LEU A 333 6.94 1.24 -13.70
C LEU A 333 6.60 2.54 -13.02
N GLY A 334 5.92 2.49 -11.88
CA GLY A 334 5.43 3.70 -11.25
C GLY A 334 5.74 3.73 -9.75
N GLY A 335 6.09 4.92 -9.21
CA GLY A 335 6.21 5.06 -7.77
C GLY A 335 6.11 6.52 -7.41
N HIS A 336 5.81 6.82 -6.14
CA HIS A 336 5.63 8.23 -5.79
C HIS A 336 6.95 9.01 -5.49
N ARG A 337 6.85 10.34 -5.53
CA ARG A 337 7.92 11.30 -5.40
C ARG A 337 7.69 12.20 -4.15
N ASP A 338 6.42 12.46 -3.81
CA ASP A 338 6.07 13.28 -2.64
C ASP A 338 6.44 12.58 -1.37
N SER A 339 6.83 13.34 -0.35
CA SER A 339 7.24 12.73 0.94
C SER A 339 6.62 13.54 2.09
N TRP A 340 6.56 12.95 3.28
CA TRP A 340 6.12 13.68 4.46
C TRP A 340 7.12 14.78 4.82
N VAL A 341 8.38 14.41 4.93
CA VAL A 341 9.49 15.36 5.09
C VAL A 341 10.58 15.06 4.06
N PHE A 342 11.70 14.45 4.47
CA PHE A 342 12.84 14.25 3.56
C PHE A 342 12.72 13.00 2.68
N GLY A 343 11.93 12.03 3.15
CA GLY A 343 11.67 10.84 2.32
C GLY A 343 12.85 9.94 2.10
N GLY A 344 13.71 9.81 3.12
CA GLY A 344 14.99 9.12 2.92
C GLY A 344 14.78 7.67 2.56
N ILE A 345 13.79 7.02 3.18
CA ILE A 345 13.31 5.73 2.71
C ILE A 345 12.06 5.91 1.80
N ASP A 346 11.04 6.51 2.38
CA ASP A 346 9.70 6.63 1.85
C ASP A 346 9.45 8.01 1.24
N PRO A 347 9.51 8.17 -0.10
CA PRO A 347 9.72 7.17 -1.16
C PRO A 347 11.05 7.23 -1.87
N GLN A 348 11.99 8.10 -1.47
CA GLN A 348 13.11 8.36 -2.37
C GLN A 348 14.01 7.17 -2.55
N SER A 349 14.02 6.21 -1.64
CA SER A 349 14.80 4.99 -1.92
C SER A 349 14.23 4.16 -3.10
N GLY A 350 12.92 4.25 -3.30
CA GLY A 350 12.27 3.70 -4.51
C GLY A 350 12.47 4.55 -5.74
N ALA A 351 12.21 5.86 -5.62
CA ALA A 351 12.39 6.84 -6.71
C ALA A 351 13.83 6.90 -7.29
N ALA A 352 14.83 6.77 -6.42
CA ALA A 352 16.25 6.70 -6.88
C ALA A 352 16.50 5.44 -7.71
N VAL A 353 15.91 4.34 -7.27
CA VAL A 353 15.93 3.04 -8.04
C VAL A 353 15.26 3.22 -9.42
N VAL A 354 14.08 3.86 -9.44
CA VAL A 354 13.37 4.13 -10.71
C VAL A 354 14.27 4.98 -11.63
N HIS A 355 14.90 6.05 -11.09
CA HIS A 355 15.74 6.99 -11.85
C HIS A 355 16.87 6.25 -12.56
N GLU A 356 17.51 5.34 -11.84
CA GLU A 356 18.59 4.50 -12.38
C GLU A 356 18.11 3.46 -13.39
N ILE A 357 16.95 2.84 -13.13
CA ILE A 357 16.23 2.00 -14.17
C ILE A 357 16.02 2.78 -15.45
N VAL A 358 15.46 3.99 -15.33
CA VAL A 358 15.29 4.87 -16.53
C VAL A 358 16.64 5.13 -17.25
N ARG A 359 17.67 5.47 -16.46
CA ARG A 359 18.99 5.73 -17.00
C ARG A 359 19.49 4.54 -17.80
N SER A 360 19.45 3.37 -17.19
CA SER A 360 19.85 2.12 -17.84
C SER A 360 19.07 1.83 -19.14
N PHE A 361 17.73 1.90 -19.10
CA PHE A 361 16.95 1.63 -20.34
C PHE A 361 17.31 2.68 -21.38
N GLY A 362 17.47 3.94 -20.97
CA GLY A 362 17.94 5.00 -21.87
C GLY A 362 19.36 4.78 -22.45
N THR A 363 20.23 4.09 -21.73
CA THR A 363 21.57 3.73 -22.24
C THR A 363 21.41 2.80 -23.43
N LEU A 364 20.60 1.76 -23.30
CA LEU A 364 20.40 0.83 -24.41
C LEU A 364 19.68 1.52 -25.56
N LYS A 365 18.75 2.41 -25.24
CA LYS A 365 18.02 3.14 -26.24
C LYS A 365 18.94 3.98 -27.12
N LYS A 366 19.93 4.62 -26.50
CA LYS A 366 20.96 5.39 -27.24
C LYS A 366 21.81 4.54 -28.19
N GLU A 367 22.03 3.29 -27.85
CA GLU A 367 22.73 2.34 -28.70
C GLU A 367 21.83 1.70 -29.79
N GLY A 368 20.60 2.21 -29.93
CA GLY A 368 19.63 1.79 -30.94
C GLY A 368 18.57 0.77 -30.56
N TRP A 369 18.57 0.30 -29.30
CA TRP A 369 17.63 -0.71 -28.83
C TRP A 369 16.31 -0.02 -28.51
N ARG A 370 15.22 -0.76 -28.67
CA ARG A 370 13.89 -0.36 -28.13
C ARG A 370 13.29 -1.59 -27.58
N PRO A 371 12.54 -1.45 -26.47
CA PRO A 371 11.83 -2.61 -26.01
C PRO A 371 10.77 -2.98 -27.07
N ARG A 372 10.34 -4.21 -27.06
CA ARG A 372 9.24 -4.70 -27.92
C ARG A 372 7.91 -3.94 -27.62
N ARG A 373 7.57 -3.84 -26.32
CA ARG A 373 6.37 -3.04 -25.90
C ARG A 373 6.76 -1.69 -25.33
N THR A 374 5.82 -0.71 -25.37
CA THR A 374 6.01 0.57 -24.71
C THR A 374 6.20 0.39 -23.18
N ILE A 375 7.15 1.14 -22.62
CA ILE A 375 7.36 1.22 -21.19
C ILE A 375 7.01 2.63 -20.78
N LEU A 376 6.20 2.70 -19.74
CA LEU A 376 5.81 3.98 -19.18
C LEU A 376 6.41 4.04 -17.80
N PHE A 377 6.98 5.20 -17.50
CA PHE A 377 7.67 5.45 -16.22
C PHE A 377 6.94 6.59 -15.55
N ALA A 378 6.62 6.41 -14.27
CA ALA A 378 5.83 7.42 -13.55
C ALA A 378 6.46 7.84 -12.22
N SER A 379 6.46 9.14 -11.98
CA SER A 379 6.82 9.74 -10.70
C SER A 379 5.52 10.35 -10.21
N TRP A 380 4.81 9.61 -9.33
CA TRP A 380 3.47 10.00 -8.91
C TRP A 380 3.57 11.07 -7.82
N ASP A 381 2.59 11.96 -7.78
CA ASP A 381 2.51 12.94 -6.71
C ASP A 381 1.39 12.58 -5.73
N ALA A 382 1.43 13.19 -4.54
CA ALA A 382 0.37 13.07 -3.52
C ALA A 382 -0.06 11.64 -3.17
N GLU A 383 0.86 10.67 -3.26
CA GLU A 383 0.59 9.33 -2.76
C GLU A 383 0.23 9.40 -1.28
N GLU A 384 0.96 10.24 -0.53
CA GLU A 384 0.80 10.27 0.94
C GLU A 384 -0.58 10.72 1.39
N PHE A 385 -1.27 11.40 0.50
CA PHE A 385 -2.59 11.93 0.79
C PHE A 385 -3.71 11.14 0.19
N GLY A 386 -3.40 9.92 -0.26
CA GLY A 386 -4.51 8.96 -0.62
C GLY A 386 -4.31 8.42 -2.06
N LEU A 387 -3.08 8.25 -2.48
CA LEU A 387 -2.80 7.67 -3.82
C LEU A 387 -3.38 8.60 -4.91
N LEU A 388 -3.39 9.91 -4.62
CA LEU A 388 -4.12 10.85 -5.47
C LEU A 388 -3.58 11.01 -6.87
N GLY A 389 -2.27 11.14 -7.02
CA GLY A 389 -1.62 11.28 -8.34
C GLY A 389 -1.83 10.12 -9.31
N SER A 390 -1.53 8.91 -8.84
CA SER A 390 -1.74 7.69 -9.61
C SER A 390 -3.22 7.54 -10.01
N THR A 391 -4.10 7.68 -9.03
CA THR A 391 -5.55 7.50 -9.26
C THR A 391 -6.12 8.46 -10.28
N GLU A 392 -5.84 9.77 -10.16
CA GLU A 392 -6.38 10.80 -11.05
C GLU A 392 -5.83 10.54 -12.45
N TRP A 393 -4.55 10.18 -12.56
CA TRP A 393 -3.95 9.87 -13.89
C TRP A 393 -4.63 8.62 -14.51
N ALA A 394 -4.82 7.58 -13.71
CA ALA A 394 -5.48 6.39 -14.21
C ALA A 394 -6.94 6.67 -14.56
N GLU A 395 -7.64 7.54 -13.78
CA GLU A 395 -9.02 7.97 -14.14
C GLU A 395 -9.06 8.71 -15.47
N GLU A 396 -8.04 9.53 -15.71
CA GLU A 396 -7.99 10.23 -16.96
C GLU A 396 -7.74 9.30 -18.13
N ASN A 397 -6.87 8.30 -17.91
CA ASN A 397 -6.41 7.42 -18.99
C ASN A 397 -6.98 6.00 -18.94
N SER A 398 -8.07 5.82 -18.21
CA SER A 398 -8.64 4.50 -17.92
C SER A 398 -8.95 3.70 -19.20
N ARG A 399 -9.48 4.33 -20.26
CA ARG A 399 -9.68 3.57 -21.54
C ARG A 399 -8.42 3.03 -22.18
N LEU A 400 -7.34 3.83 -22.20
CA LEU A 400 -6.05 3.32 -22.74
C LEU A 400 -5.51 2.21 -21.87
N LEU A 401 -5.60 2.38 -20.55
CA LEU A 401 -5.01 1.41 -19.62
C LEU A 401 -5.73 0.07 -19.65
N GLN A 402 -7.05 0.16 -19.76
CA GLN A 402 -7.96 -0.99 -19.84
C GLN A 402 -7.64 -1.87 -21.05
N GLU A 403 -7.41 -1.22 -22.19
CA GLU A 403 -7.33 -1.98 -23.46
C GLU A 403 -5.86 -2.24 -23.81
N ARG A 404 -4.93 -1.48 -23.21
CA ARG A 404 -3.53 -1.62 -23.56
C ARG A 404 -2.54 -2.01 -22.42
N GLY A 405 -3.03 -2.11 -21.18
CA GLY A 405 -2.15 -2.20 -20.01
C GLY A 405 -1.78 -3.64 -19.76
N VAL A 406 -0.51 -3.97 -19.99
CA VAL A 406 -0.03 -5.33 -19.76
C VAL A 406 0.18 -5.56 -18.28
N ALA A 407 0.84 -4.59 -17.62
CA ALA A 407 1.36 -4.85 -16.28
C ALA A 407 1.77 -3.55 -15.60
N TYR A 408 1.69 -3.55 -14.27
CA TYR A 408 2.15 -2.40 -13.49
C TYR A 408 3.08 -2.92 -12.39
N ILE A 409 4.28 -2.34 -12.35
CA ILE A 409 5.25 -2.62 -11.32
C ILE A 409 5.38 -1.31 -10.47
N ASN A 410 5.14 -1.45 -9.17
CA ASN A 410 5.20 -0.32 -8.28
C ASN A 410 6.68 -0.09 -7.85
N ALA A 411 6.96 1.08 -7.26
CA ALA A 411 8.34 1.43 -6.94
C ALA A 411 8.33 2.51 -5.84
N ASP A 412 7.66 2.20 -4.76
CA ASP A 412 7.82 2.94 -3.53
C ASP A 412 9.11 2.41 -2.89
N SER A 413 9.27 2.67 -1.60
CA SER A 413 10.50 2.34 -0.83
C SER A 413 11.16 1.03 -1.24
N SER A 414 12.41 1.14 -1.70
CA SER A 414 13.20 -0.04 -2.05
C SER A 414 13.59 -0.92 -0.88
N ILE A 415 13.68 -0.37 0.33
CA ILE A 415 14.12 -1.13 1.50
C ILE A 415 13.28 -0.67 2.64
N GLU A 416 12.91 -1.59 3.52
CA GLU A 416 12.31 -1.24 4.82
C GLU A 416 13.02 -2.09 5.89
N GLY A 417 14.17 -2.67 5.51
CA GLY A 417 14.95 -3.58 6.35
C GLY A 417 16.08 -4.09 5.47
N ASN A 418 16.94 -4.96 5.98
CA ASN A 418 17.99 -5.51 5.12
C ASN A 418 18.10 -7.01 5.25
N TYR A 419 17.01 -7.67 5.65
CA TYR A 419 17.01 -9.10 5.88
C TYR A 419 16.82 -9.91 4.59
N THR A 420 15.67 -9.69 3.92
CA THR A 420 15.33 -10.46 2.72
C THR A 420 14.37 -9.75 1.76
N LEU A 421 14.13 -10.38 0.62
CA LEU A 421 13.18 -9.85 -0.40
C LEU A 421 11.75 -10.02 0.06
N ARG A 422 10.91 -9.06 -0.30
CA ARG A 422 9.49 -9.08 -0.02
C ARG A 422 8.83 -8.84 -1.38
N VAL A 423 8.00 -9.80 -1.81
CA VAL A 423 7.21 -9.65 -3.08
C VAL A 423 5.71 -9.84 -2.83
N ASP A 424 4.92 -8.88 -3.31
CA ASP A 424 3.45 -9.00 -3.41
C ASP A 424 3.12 -8.81 -4.87
N CYS A 425 2.46 -9.77 -5.47
CA CYS A 425 2.11 -9.62 -6.89
C CYS A 425 0.90 -10.54 -7.19
N THR A 426 0.28 -10.32 -8.34
CA THR A 426 -0.67 -11.27 -8.90
C THR A 426 -0.01 -12.65 -9.13
N PRO A 427 -0.77 -13.75 -8.93
CA PRO A 427 -0.29 -15.09 -9.33
C PRO A 427 0.26 -15.14 -10.75
N LEU A 428 -0.24 -14.30 -11.66
CA LEU A 428 0.24 -14.26 -13.05
C LEU A 428 1.75 -13.96 -13.20
N MET A 429 2.37 -13.36 -12.19
CA MET A 429 3.80 -13.07 -12.19
C MET A 429 4.62 -14.00 -11.28
N TYR A 430 4.01 -14.93 -10.58
CA TYR A 430 4.78 -15.88 -9.71
C TYR A 430 5.98 -16.49 -10.44
N SER A 431 5.73 -17.08 -11.61
CA SER A 431 6.81 -17.71 -12.40
C SER A 431 7.85 -16.77 -12.88
N LEU A 432 7.45 -15.63 -13.43
CA LEU A 432 8.37 -14.58 -13.84
C LEU A 432 9.36 -14.25 -12.66
N VAL A 433 8.80 -14.07 -11.48
CA VAL A 433 9.56 -13.70 -10.28
C VAL A 433 10.50 -14.81 -9.82
N HIS A 434 9.99 -16.04 -9.75
CA HIS A 434 10.86 -17.21 -9.45
C HIS A 434 12.01 -17.31 -10.43
N ASN A 435 11.71 -17.18 -11.73
CA ASN A 435 12.77 -17.29 -12.72
C ASN A 435 13.77 -16.17 -12.68
N LEU A 436 13.28 -14.94 -12.57
CA LEU A 436 14.21 -13.82 -12.51
C LEU A 436 15.10 -13.91 -11.25
N THR A 437 14.52 -14.14 -10.08
CA THR A 437 15.33 -14.24 -8.86
C THR A 437 16.42 -15.37 -8.86
N LYS A 438 16.25 -16.39 -9.71
CA LYS A 438 17.22 -17.52 -9.81
C LYS A 438 18.40 -17.06 -10.63
N GLU A 439 18.22 -16.00 -11.42
CA GLU A 439 19.24 -15.43 -12.27
C GLU A 439 19.97 -14.28 -11.58
N LEU A 440 19.51 -13.86 -10.42
CA LEU A 440 20.15 -12.71 -9.74
C LEU A 440 21.04 -13.19 -8.58
N LYS A 441 22.12 -12.46 -8.34
CA LYS A 441 22.99 -12.76 -7.19
C LYS A 441 22.34 -12.26 -5.90
N SER A 442 22.45 -13.04 -4.85
CA SER A 442 22.06 -12.58 -3.54
C SER A 442 23.08 -11.53 -3.04
N PRO A 443 22.60 -10.43 -2.41
CA PRO A 443 23.54 -9.51 -1.77
C PRO A 443 23.71 -9.83 -0.28
N ASP A 444 23.07 -10.88 0.23
CA ASP A 444 23.03 -11.18 1.65
C ASP A 444 24.38 -11.77 2.12
N GLU A 445 24.71 -11.52 3.40
CA GLU A 445 25.90 -12.11 4.02
C GLU A 445 25.68 -13.59 4.12
N GLY A 446 26.66 -14.37 3.69
CA GLY A 446 26.57 -15.81 3.82
C GLY A 446 25.84 -16.46 2.67
N PHE A 447 25.65 -15.72 1.58
CA PHE A 447 25.01 -16.29 0.40
C PHE A 447 25.73 -15.72 -0.78
N GLU A 448 26.98 -15.33 -0.57
CA GLU A 448 27.78 -14.89 -1.69
C GLU A 448 27.96 -16.08 -2.70
N GLY A 449 27.87 -15.78 -3.98
CA GLY A 449 27.74 -16.86 -4.97
C GLY A 449 26.39 -17.59 -5.03
N LYS A 450 25.46 -17.27 -4.15
CA LYS A 450 24.16 -17.89 -4.22
C LYS A 450 23.18 -16.96 -4.92
N SER A 451 22.10 -17.53 -5.45
CA SER A 451 21.11 -16.74 -6.21
C SER A 451 20.25 -15.98 -5.21
N LEU A 452 19.62 -14.91 -5.66
CA LEU A 452 18.62 -14.26 -4.77
C LEU A 452 17.47 -15.22 -4.40
N TYR A 453 17.10 -16.08 -5.37
CA TYR A 453 16.05 -17.08 -5.11
C TYR A 453 16.38 -17.95 -3.90
N GLU A 454 17.64 -18.40 -3.84
CA GLU A 454 18.05 -19.30 -2.74
C GLU A 454 17.99 -18.58 -1.36
N SER A 455 18.57 -17.38 -1.28
CA SER A 455 18.53 -16.63 0.00
C SER A 455 17.11 -16.22 0.45
N TRP A 456 16.31 -15.75 -0.50
CA TRP A 456 14.94 -15.37 -0.25
C TRP A 456 14.11 -16.57 0.17
N THR A 457 14.28 -17.68 -0.54
CA THR A 457 13.50 -18.89 -0.24
C THR A 457 13.88 -19.41 1.15
N LYS A 458 15.19 -19.42 1.43
CA LYS A 458 15.67 -19.81 2.75
C LYS A 458 15.14 -18.90 3.87
N LYS A 459 15.24 -17.58 3.70
CA LYS A 459 14.85 -16.66 4.78
C LYS A 459 13.35 -16.40 4.85
N SER A 460 12.61 -16.71 3.79
CA SER A 460 11.20 -16.37 3.77
C SER A 460 10.38 -17.47 3.11
N PRO A 461 10.34 -18.69 3.73
CA PRO A 461 9.73 -19.85 3.10
C PRO A 461 8.23 -19.72 2.90
N SER A 462 7.78 -20.23 1.77
CA SER A 462 6.37 -20.39 1.52
C SER A 462 5.76 -21.26 2.60
N PRO A 463 4.61 -20.82 3.16
CA PRO A 463 3.86 -21.65 4.11
C PRO A 463 3.26 -22.93 3.47
N GLU A 464 2.96 -22.93 2.17
CA GLU A 464 2.50 -24.20 1.56
C GLU A 464 3.54 -25.06 0.83
N PHE A 465 4.59 -24.45 0.26
CA PHE A 465 5.48 -25.22 -0.61
C PHE A 465 6.94 -25.30 -0.21
N SER A 466 7.50 -26.46 -0.43
CA SER A 466 8.87 -26.69 -0.02
C SER A 466 9.77 -26.18 -1.10
N GLY A 467 10.75 -25.36 -0.71
CA GLY A 467 11.73 -24.87 -1.68
C GLY A 467 11.15 -23.79 -2.57
N MET A 468 10.07 -23.18 -2.07
CA MET A 468 9.44 -21.95 -2.65
C MET A 468 9.41 -20.78 -1.64
N PRO A 469 9.58 -19.55 -2.13
CA PRO A 469 9.47 -18.41 -1.24
C PRO A 469 8.03 -17.94 -1.06
N ARG A 470 7.80 -17.18 0.02
CA ARG A 470 6.53 -16.54 0.22
C ARG A 470 6.33 -15.38 -0.79
N ILE A 471 5.16 -15.33 -1.39
CA ILE A 471 4.77 -14.16 -2.15
C ILE A 471 3.38 -13.84 -1.66
N SER A 472 3.16 -12.57 -1.33
CA SER A 472 1.91 -12.15 -0.73
C SER A 472 0.96 -11.54 -1.75
N LYS A 473 -0.28 -11.39 -1.29
CA LYS A 473 -1.43 -10.87 -2.03
C LYS A 473 -1.43 -9.34 -2.00
N LEU A 474 -2.00 -8.72 -3.02
CA LEU A 474 -2.11 -7.26 -3.14
C LEU A 474 -3.39 -6.73 -2.55
N GLY A 475 -3.24 -5.71 -1.68
CA GLY A 475 -4.37 -5.08 -1.09
C GLY A 475 -4.32 -3.68 -1.62
N SER A 476 -4.15 -2.70 -0.69
CA SER A 476 -3.97 -1.29 -1.06
C SER A 476 -2.87 -0.61 -0.21
N GLY A 477 -2.93 0.72 -0.05
CA GLY A 477 -1.85 1.40 0.73
C GLY A 477 -0.70 1.76 -0.19
N ASN A 478 -0.89 1.65 -1.52
CA ASN A 478 0.16 2.11 -2.44
C ASN A 478 -0.36 2.24 -3.88
N ASP A 479 0.45 2.85 -4.74
CA ASP A 479 0.00 3.41 -6.03
C ASP A 479 -0.41 2.33 -7.06
N PHE A 480 -0.18 1.07 -6.73
CA PHE A 480 -0.60 -0.02 -7.64
C PHE A 480 -2.13 -0.18 -7.54
N GLU A 481 -2.72 0.40 -6.50
CA GLU A 481 -4.10 0.09 -6.15
C GLU A 481 -5.12 0.32 -7.32
N VAL A 482 -5.07 1.50 -7.96
CA VAL A 482 -6.04 1.82 -9.01
C VAL A 482 -5.85 0.84 -10.21
N PHE A 483 -4.59 0.57 -10.56
CA PHE A 483 -4.29 -0.34 -11.66
C PHE A 483 -4.78 -1.77 -11.46
N PHE A 484 -4.59 -2.32 -10.26
CA PHE A 484 -4.97 -3.71 -9.97
C PHE A 484 -6.45 -3.84 -9.53
N GLN A 485 -6.80 -3.13 -8.46
CA GLN A 485 -8.12 -3.27 -7.79
C GLN A 485 -9.27 -2.63 -8.61
N ARG A 486 -8.98 -1.51 -9.30
CA ARG A 486 -10.07 -0.90 -10.01
C ARG A 486 -10.06 -1.36 -11.48
N LEU A 487 -8.86 -1.32 -12.08
CA LEU A 487 -8.73 -1.58 -13.52
C LEU A 487 -8.41 -3.04 -13.91
N GLY A 488 -7.88 -3.86 -12.99
CA GLY A 488 -7.52 -5.26 -13.31
C GLY A 488 -6.33 -5.45 -14.24
N ILE A 489 -5.31 -4.63 -14.03
CA ILE A 489 -4.04 -4.78 -14.76
C ILE A 489 -3.08 -5.56 -13.85
N ALA A 490 -2.47 -6.63 -14.37
CA ALA A 490 -1.54 -7.45 -13.60
C ALA A 490 -0.54 -6.58 -12.87
N SER A 491 -0.42 -6.73 -11.54
CA SER A 491 0.47 -5.79 -10.83
C SER A 491 1.38 -6.56 -9.90
N GLY A 492 2.53 -5.95 -9.62
CA GLY A 492 3.49 -6.52 -8.70
C GLY A 492 4.32 -5.45 -7.95
N ARG A 493 4.93 -5.87 -6.85
CA ARG A 493 5.92 -4.99 -6.18
C ARG A 493 6.96 -5.89 -5.49
N ALA A 494 8.14 -5.31 -5.24
CA ALA A 494 9.27 -6.03 -4.65
C ALA A 494 10.14 -5.01 -3.86
N ARG A 495 10.51 -5.37 -2.65
CA ARG A 495 11.43 -4.52 -1.84
C ARG A 495 12.20 -5.36 -0.87
N TYR A 496 13.26 -4.81 -0.29
CA TYR A 496 13.93 -5.49 0.85
C TYR A 496 13.20 -5.12 2.12
N THR A 497 13.11 -6.09 3.02
CA THR A 497 12.38 -5.98 4.23
C THR A 497 13.18 -6.61 5.40
N LYS A 498 12.64 -6.43 6.60
CA LYS A 498 13.22 -6.90 7.82
C LYS A 498 12.68 -8.30 8.18
N ASN A 499 13.17 -8.90 9.26
CA ASN A 499 12.71 -10.20 9.76
C ASN A 499 11.37 -10.07 10.51
N TRP A 500 11.31 -9.13 11.45
CA TRP A 500 10.18 -8.89 12.40
C TRP A 500 8.73 -9.30 11.99
N GLU A 501 8.40 -10.59 12.11
CA GLU A 501 7.08 -11.14 11.64
C GLU A 501 5.79 -10.28 11.77
N THR A 502 5.28 -10.20 13.01
CA THR A 502 4.03 -9.50 13.35
C THR A 502 4.11 -7.96 13.22
N ASN A 503 5.30 -7.46 12.87
CA ASN A 503 5.47 -6.04 12.53
C ASN A 503 5.29 -5.75 11.02
N LYS A 504 4.45 -6.55 10.34
CA LYS A 504 4.33 -6.49 8.87
C LYS A 504 3.62 -5.25 8.30
N PHE A 505 2.45 -4.93 8.86
CA PHE A 505 1.68 -3.73 8.47
C PHE A 505 1.90 -2.55 9.45
N SER A 506 2.99 -2.67 10.24
CA SER A 506 3.34 -1.69 11.28
C SER A 506 4.22 -0.54 10.74
N GLY A 507 5.24 -0.94 9.97
CA GLY A 507 6.23 -0.02 9.36
C GLY A 507 7.55 -0.30 10.06
N TYR A 508 8.64 0.27 9.56
CA TYR A 508 9.91 0.28 10.25
C TYR A 508 9.82 1.46 11.29
N PRO A 509 10.71 1.49 12.29
CA PRO A 509 10.55 2.48 13.38
C PRO A 509 10.42 3.94 12.95
N LEU A 510 11.23 4.37 12.00
CA LEU A 510 11.26 5.79 11.61
C LEU A 510 10.28 6.17 10.50
N TYR A 511 9.37 5.24 10.15
CA TYR A 511 8.36 5.47 9.11
C TYR A 511 7.57 6.77 9.31
N HIS A 512 7.68 7.66 8.32
CA HIS A 512 6.86 8.92 8.26
C HIS A 512 7.25 9.99 9.33
N SER A 513 8.50 9.87 9.81
CA SER A 513 9.01 10.77 10.78
C SER A 513 10.11 11.64 10.07
N VAL A 514 10.42 12.79 10.68
CA VAL A 514 11.48 13.68 10.20
C VAL A 514 12.82 12.92 10.14
N TYR A 515 12.96 11.85 10.93
CA TYR A 515 14.22 11.11 11.08
C TYR A 515 14.56 10.21 9.89
N GLU A 516 13.61 10.10 8.94
CA GLU A 516 13.79 9.28 7.76
C GLU A 516 14.63 10.08 6.78
N THR A 517 15.95 9.89 6.84
CA THR A 517 16.86 10.76 6.10
C THR A 517 17.78 9.95 5.21
N TYR A 518 18.51 10.64 4.36
CA TYR A 518 19.57 9.99 3.64
C TYR A 518 20.55 9.25 4.57
N GLU A 519 20.90 9.90 5.70
CA GLU A 519 21.90 9.32 6.61
C GLU A 519 21.40 8.09 7.24
N LEU A 520 20.12 8.07 7.58
CA LEU A 520 19.47 6.86 8.06
C LEU A 520 19.78 5.67 7.16
N VAL A 521 19.70 5.88 5.84
CA VAL A 521 19.87 4.80 4.88
C VAL A 521 21.39 4.43 4.75
N GLU A 522 22.18 5.44 4.39
CA GLU A 522 23.62 5.29 4.15
C GLU A 522 24.33 4.72 5.36
N LYS A 523 23.91 5.12 6.57
CA LYS A 523 24.57 4.63 7.79
C LYS A 523 24.03 3.30 8.29
N PHE A 524 22.70 3.14 8.42
CA PHE A 524 22.14 1.98 9.13
C PHE A 524 21.40 0.93 8.28
N TYR A 525 21.03 1.25 7.03
CA TYR A 525 20.21 0.30 6.23
C TYR A 525 21.04 -0.38 5.15
N ASP A 526 21.79 0.41 4.39
CA ASP A 526 22.38 -0.07 3.15
C ASP A 526 23.59 0.73 2.72
N PRO A 527 24.67 0.71 3.58
CA PRO A 527 25.84 1.54 3.27
C PRO A 527 26.47 1.31 1.90
N MET A 528 26.45 0.06 1.42
CA MET A 528 26.97 -0.21 0.07
C MET A 528 25.93 -0.03 -1.08
N PHE A 529 24.66 0.23 -0.75
CA PHE A 529 23.60 0.34 -1.78
C PHE A 529 23.41 -0.94 -2.60
N LYS A 530 23.77 -2.06 -1.98
CA LYS A 530 23.65 -3.35 -2.62
C LYS A 530 22.21 -3.91 -2.48
N TYR A 531 21.48 -3.58 -1.41
CA TYR A 531 20.07 -3.99 -1.35
C TYR A 531 19.25 -3.21 -2.37
N HIS A 532 19.51 -1.91 -2.48
CA HIS A 532 18.93 -1.02 -3.50
C HIS A 532 19.18 -1.59 -4.90
N LEU A 533 20.45 -1.87 -5.18
CA LEU A 533 20.83 -2.45 -6.45
C LEU A 533 20.07 -3.78 -6.72
N THR A 534 20.00 -4.68 -5.76
CA THR A 534 19.19 -5.93 -5.87
C THR A 534 17.73 -5.62 -6.21
N VAL A 535 17.15 -4.64 -5.50
CA VAL A 535 15.78 -4.23 -5.74
C VAL A 535 15.62 -3.63 -7.16
N ALA A 536 16.60 -2.83 -7.61
CA ALA A 536 16.57 -2.29 -8.97
C ALA A 536 16.64 -3.38 -10.03
N GLN A 537 17.43 -4.40 -9.76
CA GLN A 537 17.47 -5.58 -10.63
C GLN A 537 16.12 -6.36 -10.68
N VAL A 538 15.45 -6.53 -9.55
CA VAL A 538 14.18 -7.20 -9.48
C VAL A 538 13.15 -6.34 -10.19
N ARG A 539 13.00 -5.07 -9.82
CA ARG A 539 11.98 -4.21 -10.48
C ARG A 539 12.27 -4.01 -11.96
N GLY A 540 13.50 -3.63 -12.29
CA GLY A 540 13.86 -3.35 -13.66
C GLY A 540 13.82 -4.64 -14.49
N GLY A 541 14.29 -5.73 -13.90
CA GLY A 541 14.23 -7.02 -14.61
C GLY A 541 12.82 -7.53 -14.93
N MET A 542 11.88 -7.39 -13.97
CA MET A 542 10.46 -7.64 -14.20
C MET A 542 9.95 -6.78 -15.34
N VAL A 543 10.23 -5.48 -15.31
CA VAL A 543 9.76 -4.61 -16.35
C VAL A 543 10.35 -5.01 -17.70
N PHE A 544 11.68 -5.26 -17.75
CA PHE A 544 12.36 -5.66 -18.99
C PHE A 544 11.68 -6.93 -19.60
N GLU A 545 11.49 -7.98 -18.82
CA GLU A 545 10.80 -9.18 -19.30
C GLU A 545 9.36 -8.96 -19.79
N LEU A 546 8.57 -8.21 -19.01
CA LEU A 546 7.16 -7.87 -19.37
C LEU A 546 7.16 -7.09 -20.68
N ALA A 547 8.14 -6.18 -20.81
CA ALA A 547 8.19 -5.35 -22.00
C ALA A 547 8.82 -5.98 -23.25
N ASN A 548 9.55 -7.09 -23.11
CA ASN A 548 10.37 -7.55 -24.22
C ASN A 548 10.19 -9.01 -24.62
N SER A 549 9.70 -9.84 -23.69
CA SER A 549 9.45 -11.25 -23.97
C SER A 549 8.38 -11.37 -25.06
N ILE A 550 8.61 -12.27 -26.00
CA ILE A 550 7.74 -12.37 -27.17
C ILE A 550 6.35 -12.84 -26.74
N VAL A 551 6.32 -13.87 -25.91
CA VAL A 551 5.09 -14.29 -25.21
C VAL A 551 5.13 -13.65 -23.80
N LEU A 552 4.04 -12.97 -23.44
CA LEU A 552 3.95 -12.33 -22.12
C LEU A 552 4.32 -13.36 -21.07
N PRO A 553 5.13 -12.94 -20.05
CA PRO A 553 5.61 -13.91 -19.05
C PRO A 553 4.62 -14.13 -17.88
N PHE A 554 3.39 -14.51 -18.24
CA PHE A 554 2.34 -14.84 -17.24
C PHE A 554 2.00 -16.31 -17.34
N ASP A 555 1.85 -16.98 -16.19
CA ASP A 555 1.45 -18.37 -16.16
C ASP A 555 0.07 -18.46 -15.54
N CYS A 556 -0.97 -18.56 -16.39
CA CYS A 556 -2.38 -18.73 -15.92
C CYS A 556 -2.56 -19.90 -14.99
N ARG A 557 -1.72 -20.94 -15.07
CA ARG A 557 -1.89 -22.08 -14.16
C ARG A 557 -1.63 -21.75 -12.67
N ASP A 558 -0.72 -20.82 -12.44
CA ASP A 558 -0.49 -20.28 -11.06
C ASP A 558 -1.77 -19.64 -10.50
N TYR A 559 -2.56 -18.97 -11.32
CA TYR A 559 -3.88 -18.48 -10.80
C TYR A 559 -4.79 -19.66 -10.44
N ALA A 560 -4.76 -20.74 -11.24
CA ALA A 560 -5.64 -21.90 -10.94
C ALA A 560 -5.33 -22.51 -9.57
N VAL A 561 -4.04 -22.62 -9.30
CA VAL A 561 -3.58 -23.10 -8.02
C VAL A 561 -4.09 -22.21 -6.87
N VAL A 562 -3.90 -20.87 -6.93
CA VAL A 562 -4.34 -20.08 -5.71
C VAL A 562 -5.85 -20.00 -5.58
N LEU A 563 -6.55 -20.10 -6.71
CA LEU A 563 -8.03 -20.00 -6.68
C LEU A 563 -8.58 -21.16 -5.87
N ARG A 564 -8.02 -22.35 -6.06
CA ARG A 564 -8.43 -23.51 -5.24
C ARG A 564 -8.11 -23.31 -3.78
N LYS A 565 -6.90 -22.85 -3.48
CA LYS A 565 -6.54 -22.51 -2.10
C LYS A 565 -7.53 -21.46 -1.49
N TYR A 566 -7.87 -20.40 -2.24
CA TYR A 566 -8.83 -19.40 -1.70
C TYR A 566 -10.24 -19.96 -1.53
N ALA A 567 -10.67 -20.81 -2.44
CA ALA A 567 -11.98 -21.47 -2.31
C ALA A 567 -12.06 -22.36 -1.06
N ASP A 568 -11.02 -23.19 -0.87
CA ASP A 568 -10.90 -24.03 0.34
C ASP A 568 -11.00 -23.17 1.62
N LYS A 569 -10.28 -22.07 1.60
CA LYS A 569 -10.24 -21.17 2.72
C LYS A 569 -11.56 -20.48 3.04
N ILE A 570 -12.20 -19.89 2.02
CA ILE A 570 -13.50 -19.31 2.22
C ILE A 570 -14.56 -20.37 2.65
N TYR A 571 -14.55 -21.54 2.03
CA TYR A 571 -15.42 -22.62 2.40
C TYR A 571 -15.22 -22.98 3.89
N SER A 572 -13.96 -23.06 4.35
CA SER A 572 -13.69 -23.43 5.77
C SER A 572 -14.20 -22.39 6.74
N ILE A 573 -14.16 -21.11 6.32
CA ILE A 573 -14.71 -20.01 7.11
C ILE A 573 -16.22 -20.20 7.22
N SER A 574 -16.87 -20.51 6.10
CA SER A 574 -18.31 -20.69 6.15
C SER A 574 -18.70 -21.86 7.06
N MET A 575 -17.88 -22.92 7.01
CA MET A 575 -18.15 -24.20 7.69
C MET A 575 -18.01 -24.13 9.21
N LYS A 576 -17.67 -22.96 9.74
CA LYS A 576 -17.80 -22.70 11.17
C LYS A 576 -19.28 -22.57 11.55
N HIS A 577 -20.18 -22.52 10.56
CA HIS A 577 -21.62 -22.31 10.77
C HIS A 577 -22.44 -23.40 10.05
N PRO A 578 -22.17 -24.70 10.39
CA PRO A 578 -22.80 -25.84 9.71
C PRO A 578 -24.32 -25.83 9.80
N GLN A 579 -24.90 -25.49 10.96
CA GLN A 579 -26.37 -25.44 11.06
C GLN A 579 -27.01 -24.46 10.06
N GLU A 580 -26.43 -23.24 9.96
CA GLU A 580 -26.95 -22.22 9.03
C GLU A 580 -26.75 -22.62 7.56
N MET A 581 -25.66 -23.30 7.27
CA MET A 581 -25.44 -23.79 5.91
C MET A 581 -26.48 -24.87 5.52
N LYS A 582 -26.94 -25.69 6.50
CA LYS A 582 -28.10 -26.58 6.31
C LYS A 582 -29.39 -25.84 6.09
N THR A 583 -29.72 -24.94 7.02
CA THR A 583 -30.98 -24.23 7.03
C THR A 583 -31.14 -23.39 5.78
N TYR A 584 -30.06 -22.70 5.40
CA TYR A 584 -30.19 -21.80 4.24
C TYR A 584 -29.69 -22.39 2.94
N SER A 585 -29.30 -23.68 2.95
CA SER A 585 -28.85 -24.37 1.73
C SER A 585 -27.65 -23.66 1.10
N VAL A 586 -26.64 -23.36 1.91
CA VAL A 586 -25.48 -22.63 1.41
C VAL A 586 -24.47 -23.63 0.80
N SER A 587 -24.42 -23.68 -0.52
CA SER A 587 -23.49 -24.50 -1.22
C SER A 587 -22.36 -23.71 -1.90
N PHE A 588 -21.16 -24.21 -1.72
CA PHE A 588 -19.97 -23.78 -2.45
C PHE A 588 -19.73 -24.61 -3.69
N ASP A 589 -20.66 -25.52 -4.06
CA ASP A 589 -20.39 -26.36 -5.27
C ASP A 589 -20.07 -25.56 -6.52
N SER A 590 -20.81 -24.48 -6.75
CA SER A 590 -20.61 -23.74 -8.02
C SER A 590 -19.20 -23.12 -8.05
N LEU A 591 -18.75 -22.58 -6.92
CA LEU A 591 -17.39 -22.02 -6.86
C LEU A 591 -16.29 -23.08 -7.09
N PHE A 592 -16.36 -24.22 -6.38
CA PHE A 592 -15.40 -25.29 -6.68
C PHE A 592 -15.44 -25.78 -8.14
N SER A 593 -16.65 -25.84 -8.68
CA SER A 593 -16.81 -26.19 -10.12
C SER A 593 -16.13 -25.21 -11.07
N ALA A 594 -16.35 -23.93 -10.83
CA ALA A 594 -15.72 -22.86 -11.63
C ALA A 594 -14.20 -23.00 -11.52
N VAL A 595 -13.68 -23.22 -10.30
CA VAL A 595 -12.20 -23.37 -10.09
C VAL A 595 -11.64 -24.59 -10.84
N LYS A 596 -12.37 -25.70 -10.76
CA LYS A 596 -12.02 -26.90 -11.59
C LYS A 596 -11.98 -26.60 -13.05
N ASN A 597 -12.98 -25.88 -13.57
CA ASN A 597 -12.97 -25.52 -14.98
C ASN A 597 -11.83 -24.61 -15.34
N PHE A 598 -11.61 -23.58 -14.50
CA PHE A 598 -10.48 -22.68 -14.70
C PHE A 598 -9.19 -23.54 -14.78
N THR A 599 -8.97 -24.42 -13.80
CA THR A 599 -7.75 -25.32 -13.83
C THR A 599 -7.59 -26.10 -15.15
N GLU A 600 -8.69 -26.69 -15.64
CA GLU A 600 -8.64 -27.52 -16.85
C GLU A 600 -8.42 -26.68 -18.06
N ILE A 601 -9.17 -25.58 -18.13
CA ILE A 601 -9.05 -24.70 -19.28
C ILE A 601 -7.66 -24.01 -19.32
N ALA A 602 -7.19 -23.60 -18.15
CA ALA A 602 -5.81 -23.02 -18.04
C ALA A 602 -4.74 -24.00 -18.56
N SER A 603 -4.82 -25.24 -18.12
CA SER A 603 -3.92 -26.31 -18.59
C SER A 603 -3.90 -26.43 -20.11
N LYS A 604 -5.07 -26.50 -20.73
CA LYS A 604 -5.14 -26.55 -22.19
C LYS A 604 -4.61 -25.33 -22.88
N PHE A 605 -4.91 -24.15 -22.31
CA PHE A 605 -4.32 -22.94 -22.88
C PHE A 605 -2.78 -23.01 -22.84
N SER A 606 -2.21 -23.44 -21.72
CA SER A 606 -0.73 -23.58 -21.60
C SER A 606 -0.17 -24.51 -22.68
N GLU A 607 -0.84 -25.64 -22.93
CA GLU A 607 -0.42 -26.53 -24.03
C GLU A 607 -0.37 -25.79 -25.35
N ARG A 608 -1.49 -25.10 -25.70
CA ARG A 608 -1.48 -24.32 -26.93
C ARG A 608 -0.42 -23.25 -26.97
N LEU A 609 -0.20 -22.61 -25.81
CA LEU A 609 0.79 -21.54 -25.75
C LEU A 609 2.18 -22.16 -26.04
N GLN A 610 2.45 -23.33 -25.46
CA GLN A 610 3.69 -24.01 -25.82
C GLN A 610 3.78 -24.42 -27.33
N ASP A 611 2.63 -24.81 -27.92
CA ASP A 611 2.50 -25.50 -29.23
C ASP A 611 2.20 -24.73 -30.53
N PHE A 612 2.28 -23.40 -30.60
CA PHE A 612 2.05 -22.64 -31.86
C PHE A 612 3.32 -22.03 -32.46
N SER A 615 5.73 -19.12 -36.01
N SER A 615 6.33 -16.81 -34.97
CA SER A 615 5.85 -18.02 -36.93
CA SER A 615 6.48 -15.66 -35.93
C SER A 615 4.54 -17.20 -37.15
C SER A 615 5.25 -15.31 -36.83
N ASN A 616 3.55 -17.39 -36.31
N ASN A 616 4.09 -15.87 -36.53
CA ASN A 616 2.25 -16.72 -36.51
CA ASN A 616 2.84 -15.39 -37.10
C ASN A 616 2.02 -15.67 -35.43
C ASN A 616 2.27 -14.22 -36.18
N PRO A 617 2.09 -14.37 -35.81
N PRO A 617 2.48 -12.96 -36.59
CA PRO A 617 2.05 -13.25 -34.90
CA PRO A 617 2.19 -11.75 -35.79
C PRO A 617 0.62 -12.95 -34.44
C PRO A 617 0.71 -11.60 -35.36
N ILE A 618 -0.36 -13.35 -35.27
N ILE A 618 -0.26 -12.06 -36.15
CA ILE A 618 -1.77 -13.18 -34.91
CA ILE A 618 -1.63 -11.93 -35.68
C ILE A 618 -2.20 -14.16 -33.80
C ILE A 618 -2.00 -13.03 -34.70
N VAL A 619 -1.90 -15.43 -33.98
N VAL A 619 -1.53 -14.27 -34.96
CA VAL A 619 -2.08 -16.43 -32.92
CA VAL A 619 -1.76 -15.34 -33.98
C VAL A 619 -1.36 -16.01 -31.62
C VAL A 619 -1.07 -15.02 -32.64
N LEU A 620 -0.17 -15.45 -31.78
N LEU A 620 0.15 -14.48 -32.71
CA LEU A 620 0.68 -15.04 -30.66
CA LEU A 620 0.84 -14.11 -31.49
C LEU A 620 0.08 -13.90 -29.89
C LEU A 620 0.05 -12.99 -30.77
N ARG A 621 -0.34 -12.89 -30.64
N ARG A 621 -0.45 -12.02 -31.51
CA ARG A 621 -0.87 -11.69 -30.11
CA ARG A 621 -1.26 -11.00 -30.87
C ARG A 621 -2.24 -12.03 -29.59
C ARG A 621 -2.46 -11.55 -30.03
N MET A 622 -3.04 -12.72 -30.41
CA MET A 622 -4.29 -13.31 -29.85
C MET A 622 -4.02 -13.96 -28.52
N MET A 623 -2.98 -14.81 -28.45
CA MET A 623 -2.64 -15.47 -27.19
C MET A 623 -2.13 -14.51 -26.09
N ASN A 624 -1.32 -13.54 -26.47
CA ASN A 624 -0.86 -12.46 -25.59
C ASN A 624 -2.06 -11.62 -25.09
N ASP A 625 -3.00 -11.31 -25.98
CA ASP A 625 -4.23 -10.63 -25.56
C ASP A 625 -4.98 -11.44 -24.55
N GLN A 626 -5.09 -12.75 -24.76
CA GLN A 626 -5.68 -13.62 -23.75
C GLN A 626 -4.97 -13.54 -22.40
N LEU A 627 -3.64 -13.59 -22.44
CA LEU A 627 -2.86 -13.45 -21.19
C LEU A 627 -3.06 -12.09 -20.56
N MET A 628 -3.00 -11.04 -21.38
CA MET A 628 -3.15 -9.66 -20.91
C MET A 628 -4.56 -9.43 -20.29
N PHE A 629 -5.59 -9.93 -20.99
CA PHE A 629 -6.97 -9.77 -20.48
C PHE A 629 -7.41 -10.72 -19.39
N LEU A 630 -6.55 -11.63 -18.95
CA LEU A 630 -6.97 -12.60 -17.95
C LEU A 630 -7.15 -11.92 -16.56
N GLU A 631 -6.18 -11.08 -16.19
CA GLU A 631 -6.35 -10.28 -14.97
C GLU A 631 -7.60 -9.40 -15.08
N ARG A 632 -7.77 -8.79 -16.26
CA ARG A 632 -8.95 -8.00 -16.56
C ARG A 632 -10.29 -8.69 -16.35
N ALA A 633 -10.29 -10.01 -16.60
CA ALA A 633 -11.47 -10.80 -16.51
C ALA A 633 -12.02 -10.91 -15.09
N PHE A 634 -11.15 -10.72 -14.07
CA PHE A 634 -11.59 -10.79 -12.68
C PHE A 634 -12.29 -9.53 -12.16
N ILE A 635 -12.36 -8.49 -12.97
CA ILE A 635 -13.09 -7.26 -12.68
C ILE A 635 -14.59 -7.49 -12.87
N ASP A 636 -15.35 -7.03 -11.90
CA ASP A 636 -16.79 -6.94 -11.99
C ASP A 636 -17.13 -5.47 -12.16
N PRO A 637 -17.78 -5.11 -13.28
CA PRO A 637 -18.08 -3.65 -13.46
C PRO A 637 -19.12 -3.09 -12.45
N LEU A 638 -19.80 -3.95 -11.67
CA LEU A 638 -20.68 -3.43 -10.60
C LEU A 638 -19.87 -3.17 -9.30
N GLY A 639 -18.58 -3.58 -9.28
CA GLY A 639 -17.71 -3.39 -8.13
C GLY A 639 -18.14 -4.27 -6.96
N LEU A 640 -17.49 -4.12 -5.80
CA LEU A 640 -17.93 -4.80 -4.59
C LEU A 640 -18.93 -3.97 -3.80
N PRO A 641 -19.74 -4.63 -2.90
CA PRO A 641 -20.80 -3.90 -2.19
C PRO A 641 -20.31 -2.66 -1.46
N ASP A 642 -20.98 -1.55 -1.76
CA ASP A 642 -20.66 -0.19 -1.31
C ASP A 642 -19.24 0.21 -1.57
N ARG A 643 -18.52 -0.53 -2.42
CA ARG A 643 -17.14 -0.08 -2.77
C ARG A 643 -16.98 -0.15 -4.28
N PRO A 644 -17.56 0.84 -4.98
CA PRO A 644 -17.59 0.75 -6.45
C PRO A 644 -16.25 0.81 -7.14
N PHE A 645 -15.23 1.36 -6.48
CA PHE A 645 -13.87 1.39 -7.05
C PHE A 645 -13.01 0.16 -6.75
N TYR A 646 -13.52 -0.74 -5.90
CA TYR A 646 -12.85 -2.02 -5.71
C TYR A 646 -13.64 -3.05 -6.54
N ARG A 647 -13.10 -3.38 -7.71
CA ARG A 647 -13.84 -4.18 -8.70
C ARG A 647 -13.33 -5.61 -8.94
N HIS A 648 -12.15 -5.93 -8.38
CA HIS A 648 -11.51 -7.24 -8.57
C HIS A 648 -12.26 -8.21 -7.68
N VAL A 649 -12.71 -9.32 -8.24
CA VAL A 649 -13.52 -10.26 -7.42
C VAL A 649 -12.65 -11.21 -6.58
N ILE A 650 -11.40 -11.40 -6.97
CA ILE A 650 -10.56 -12.36 -6.25
C ILE A 650 -9.83 -11.71 -5.09
N TYR A 651 -9.41 -10.47 -5.28
CA TYR A 651 -8.64 -9.68 -4.31
C TYR A 651 -9.32 -8.36 -4.02
N ALA A 652 -9.29 -7.92 -2.77
CA ALA A 652 -9.59 -6.53 -2.47
C ALA A 652 -8.77 -6.19 -1.23
N PRO A 653 -8.58 -4.90 -1.00
CA PRO A 653 -7.97 -4.50 0.26
C PRO A 653 -8.91 -4.91 1.36
N SER A 654 -8.38 -5.48 2.46
CA SER A 654 -9.21 -5.87 3.55
C SER A 654 -10.07 -4.70 4.09
N SER A 655 -11.42 -4.88 4.22
CA SER A 655 -12.28 -3.91 4.91
C SER A 655 -11.85 -3.58 6.40
N HIS A 656 -10.97 -4.39 6.97
CA HIS A 656 -10.46 -4.13 8.34
C HIS A 656 -9.03 -3.59 8.32
N ASN A 657 -8.38 -3.61 7.15
CA ASN A 657 -6.96 -3.22 7.08
C ASN A 657 -6.58 -3.06 5.63
N LYS A 658 -6.66 -1.83 5.08
CA LYS A 658 -6.49 -1.65 3.62
C LYS A 658 -5.11 -2.06 3.11
N TYR A 659 -4.13 -2.14 4.00
CA TYR A 659 -2.80 -2.64 3.61
C TYR A 659 -2.73 -4.14 3.26
N ALA A 660 -3.64 -4.92 3.83
CA ALA A 660 -3.71 -6.37 3.66
C ALA A 660 -4.61 -6.72 2.42
N GLY A 661 -4.13 -7.60 1.53
CA GLY A 661 -5.03 -8.15 0.50
C GLY A 661 -5.94 -9.18 1.18
N GLU A 662 -7.20 -9.23 0.75
CA GLU A 662 -8.13 -10.28 1.12
C GLU A 662 -8.51 -11.05 -0.15
N SER A 663 -8.68 -12.40 -0.05
CA SER A 663 -9.16 -13.20 -1.20
C SER A 663 -10.70 -13.48 -1.11
N PHE A 664 -11.40 -13.60 -2.24
CA PHE A 664 -12.91 -13.59 -2.31
C PHE A 664 -13.50 -12.64 -1.30
N PRO A 665 -13.12 -11.35 -1.41
CA PRO A 665 -13.53 -10.34 -0.45
C PRO A 665 -15.04 -10.21 -0.33
N GLY A 666 -15.80 -10.41 -1.41
CA GLY A 666 -17.25 -10.29 -1.33
C GLY A 666 -17.87 -11.35 -0.42
N ILE A 667 -17.44 -12.61 -0.59
CA ILE A 667 -17.90 -13.69 0.31
C ILE A 667 -17.32 -13.49 1.73
N TYR A 668 -16.03 -13.13 1.83
CA TYR A 668 -15.41 -12.91 3.14
C TYR A 668 -16.20 -11.93 4.00
N ASP A 669 -16.50 -10.74 3.46
CA ASP A 669 -17.31 -9.74 4.18
C ASP A 669 -18.71 -10.18 4.39
N ALA A 670 -19.30 -10.94 3.46
CA ALA A 670 -20.67 -11.44 3.70
C ALA A 670 -20.70 -12.38 4.92
N LEU A 671 -19.64 -13.14 5.10
CA LEU A 671 -19.48 -14.04 6.25
C LEU A 671 -19.02 -13.40 7.56
N PHE A 672 -18.45 -12.19 7.47
CA PHE A 672 -17.77 -11.56 8.63
C PHE A 672 -18.76 -11.22 9.69
N ASP A 673 -18.45 -11.70 10.89
CA ASP A 673 -19.30 -11.45 12.07
C ASP A 673 -20.78 -11.81 11.83
N ILE A 674 -21.05 -12.78 10.95
CA ILE A 674 -22.42 -13.08 10.53
C ILE A 674 -23.34 -13.54 11.69
N GLU A 675 -22.74 -14.22 12.68
CA GLU A 675 -23.50 -14.75 13.81
C GLU A 675 -24.10 -13.61 14.60
N SER A 676 -23.62 -12.37 14.35
CA SER A 676 -24.16 -11.17 15.01
C SER A 676 -25.24 -10.48 14.24
N LYS A 677 -25.53 -10.91 13.02
CA LYS A 677 -26.53 -10.19 12.23
C LYS A 677 -27.94 -10.53 12.73
N VAL A 678 -28.83 -9.56 12.61
CA VAL A 678 -30.17 -9.66 13.19
C VAL A 678 -31.11 -10.54 12.35
N ASP A 679 -30.98 -10.46 11.03
CA ASP A 679 -31.77 -11.24 10.09
C ASP A 679 -30.80 -12.28 9.51
N PRO A 680 -30.69 -13.48 10.13
CA PRO A 680 -29.76 -14.47 9.60
C PRO A 680 -30.12 -14.93 8.18
N SER A 681 -31.40 -14.92 7.82
CA SER A 681 -31.83 -15.32 6.51
C SER A 681 -31.35 -14.40 5.42
N LYS A 682 -31.49 -13.10 5.70
CA LYS A 682 -30.96 -12.06 4.84
C LYS A 682 -29.42 -12.10 4.75
N ALA A 683 -28.73 -12.28 5.88
CA ALA A 683 -27.28 -12.36 5.86
C ALA A 683 -26.75 -13.58 5.08
N TRP A 684 -27.37 -14.75 5.28
CA TRP A 684 -26.98 -15.95 4.55
C TRP A 684 -27.35 -15.93 3.07
N GLY A 685 -28.51 -15.39 2.76
CA GLY A 685 -28.88 -15.04 1.36
C GLY A 685 -27.82 -14.20 0.63
N GLU A 686 -27.22 -13.26 1.33
CA GLU A 686 -26.13 -12.44 0.77
C GLU A 686 -24.82 -13.23 0.59
N VAL A 687 -24.50 -14.11 1.53
CA VAL A 687 -23.37 -15.06 1.38
C VAL A 687 -23.57 -15.81 0.07
N LYS A 688 -24.77 -16.33 -0.13
CA LYS A 688 -25.01 -17.13 -1.31
C LYS A 688 -24.98 -16.27 -2.59
N ARG A 689 -25.55 -15.06 -2.55
CA ARG A 689 -25.35 -14.12 -3.68
C ARG A 689 -23.86 -13.93 -4.03
N GLN A 690 -23.04 -13.71 -2.99
CA GLN A 690 -21.63 -13.52 -3.23
C GLN A 690 -20.94 -14.80 -3.78
N ILE A 691 -21.41 -16.00 -3.35
CA ILE A 691 -20.88 -17.24 -3.94
C ILE A 691 -21.15 -17.32 -5.42
N TYR A 692 -22.36 -16.97 -5.81
CA TYR A 692 -22.78 -16.93 -7.22
C TYR A 692 -21.92 -15.95 -7.99
N VAL A 693 -21.76 -14.74 -7.47
CA VAL A 693 -20.92 -13.75 -8.16
C VAL A 693 -19.48 -14.22 -8.37
N ALA A 694 -18.93 -14.87 -7.34
CA ALA A 694 -17.55 -15.34 -7.47
C ALA A 694 -17.41 -16.54 -8.42
N ALA A 695 -18.37 -17.50 -8.33
CA ALA A 695 -18.32 -18.68 -9.23
C ALA A 695 -18.42 -18.23 -10.67
N PHE A 696 -19.41 -17.35 -10.93
CA PHE A 696 -19.59 -16.81 -12.25
C PHE A 696 -18.30 -16.13 -12.77
N THR A 697 -17.72 -15.30 -11.93
CA THR A 697 -16.58 -14.48 -12.40
C THR A 697 -15.40 -15.41 -12.70
N VAL A 698 -15.15 -16.41 -11.83
CA VAL A 698 -14.10 -17.40 -12.09
C VAL A 698 -14.35 -18.14 -13.40
N GLN A 699 -15.59 -18.61 -13.59
CA GLN A 699 -15.97 -19.29 -14.87
C GLN A 699 -15.76 -18.40 -16.08
N ALA A 700 -16.17 -17.14 -15.96
CA ALA A 700 -16.04 -16.17 -17.05
C ALA A 700 -14.58 -15.88 -17.40
N ALA A 701 -13.74 -15.76 -16.36
CA ALA A 701 -12.29 -15.55 -16.59
C ALA A 701 -11.71 -16.80 -17.26
N ALA A 702 -12.06 -18.00 -16.79
CA ALA A 702 -11.64 -19.25 -17.47
C ALA A 702 -11.96 -19.27 -18.97
N GLU A 703 -13.19 -18.87 -19.34
CA GLU A 703 -13.63 -18.85 -20.74
C GLU A 703 -12.93 -17.87 -21.63
N THR A 704 -12.28 -16.85 -21.03
CA THR A 704 -11.42 -15.95 -21.84
C THR A 704 -10.16 -16.70 -22.33
N LEU A 705 -9.83 -17.82 -21.71
CA LEU A 705 -8.68 -18.66 -22.07
C LEU A 705 -9.06 -19.84 -22.99
N SER A 706 -10.38 -20.06 -23.26
CA SER A 706 -10.83 -21.09 -24.18
C SER A 706 -10.44 -20.66 -25.56
N GLU A 707 -10.44 -21.60 -26.52
CA GLU A 707 -10.34 -21.20 -27.91
C GLU A 707 -11.43 -20.16 -28.20
N VAL A 708 -11.04 -19.17 -28.98
CA VAL A 708 -11.82 -17.94 -29.11
C VAL A 708 -13.03 -18.12 -30.06
N ALA A 709 -12.99 -19.18 -30.87
CA ALA A 709 -14.00 -19.44 -31.90
C ALA A 709 -13.73 -20.86 -32.40
C1 NAG B . 20.10 17.30 -7.83
C2 NAG B . 20.61 18.65 -7.31
C3 NAG B . 20.33 19.75 -8.33
C4 NAG B . 20.78 19.39 -9.73
C5 NAG B . 20.25 18.02 -10.05
C6 NAG B . 20.56 17.59 -11.49
C7 NAG B . 20.66 18.87 -4.90
C8 NAG B . 19.93 19.16 -3.64
N2 NAG B . 19.99 19.02 -6.05
O3 NAG B . 20.98 20.94 -8.00
O4 NAG B . 20.11 20.35 -10.51
O5 NAG B . 20.69 17.08 -9.09
O6 NAG B . 21.95 17.54 -11.65
O7 NAG B . 21.83 18.49 -4.86
C1 NAG B . 20.99 21.02 -11.42
C2 NAG B . 20.10 21.68 -12.46
C3 NAG B . 20.83 22.74 -13.31
C4 NAG B . 21.91 23.56 -12.58
C5 NAG B . 22.66 22.77 -11.48
C6 NAG B . 23.33 23.75 -10.49
C7 NAG B . 18.32 20.16 -13.46
C8 NAG B . 17.24 20.72 -12.58
N2 NAG B . 19.56 20.69 -13.38
O3 NAG B . 19.81 23.59 -13.80
O4 NAG B . 22.84 24.05 -13.53
O5 NAG B . 21.77 21.97 -10.72
O6 NAG B . 22.35 24.60 -9.90
O7 NAG B . 18.09 19.23 -14.27
C1 NAG C . -0.11 24.68 26.86
C2 NAG C . 0.53 25.34 28.11
C3 NAG C . -0.30 26.51 28.63
C4 NAG C . -0.84 27.42 27.51
C5 NAG C . -1.34 26.62 26.27
C6 NAG C . -1.68 27.49 25.05
C7 NAG C . 1.90 24.10 29.67
C8 NAG C . 2.01 23.15 30.83
N2 NAG C . 0.69 24.40 29.22
O3 NAG C . 0.52 27.27 29.51
O4 NAG C . -1.86 28.20 28.11
O5 NAG C . -0.39 25.65 25.86
O6 NAG C . -0.51 28.08 24.54
O7 NAG C . 2.93 24.58 29.18
C1 NAG C . -1.78 29.60 27.73
C2 NAG C . -3.22 30.09 27.82
C3 NAG C . -3.36 31.61 27.65
C4 NAG C . -2.32 32.34 28.50
C5 NAG C . -0.92 31.79 28.16
C6 NAG C . 0.18 32.54 28.92
C7 NAG C . -4.94 28.48 27.03
C8 NAG C . -5.28 28.01 28.41
N2 NAG C . -3.97 29.38 26.80
O3 NAG C . -4.63 32.02 28.11
O4 NAG C . -2.46 33.75 28.35
O5 NAG C . -0.90 30.40 28.50
O6 NAG C . 0.23 32.11 30.27
O7 NAG C . -5.57 28.01 26.08
C1 NAG D . 10.32 -20.02 -15.98
C2 NAG D . 9.36 -19.76 -17.16
C3 NAG D . 8.76 -21.08 -17.68
C4 NAG D . 9.90 -22.05 -17.98
C5 NAG D . 10.74 -22.25 -16.73
C6 NAG D . 11.96 -23.17 -16.92
C7 NAG D . 8.04 -17.71 -17.35
C8 NAG D . 8.91 -17.29 -18.45
N2 NAG D . 8.30 -18.86 -16.79
O3 NAG D . 8.00 -20.85 -18.85
O4 NAG D . 9.30 -23.25 -18.35
O5 NAG D . 11.27 -20.96 -16.48
O6 NAG D . 12.64 -22.65 -18.05
O7 NAG D . 7.07 -16.97 -16.99
C1 NAG D . 9.79 -23.79 -19.59
C2 NAG D . 9.19 -25.17 -19.59
C3 NAG D . 9.55 -25.92 -20.88
C4 NAG D . 9.23 -25.08 -22.10
C5 NAG D . 9.84 -23.67 -21.94
C6 NAG D . 9.52 -22.74 -23.10
C7 NAG D . 8.89 -26.17 -17.37
C8 NAG D . 7.46 -25.77 -17.31
N2 NAG D . 9.64 -25.89 -18.43
O3 NAG D . 8.85 -27.13 -20.91
O4 NAG D . 9.76 -25.73 -23.23
O5 NAG D . 9.39 -23.08 -20.73
O6 NAG D . 8.11 -22.77 -23.30
O7 NAG D . 9.38 -26.76 -16.41
C1 NAG E . -17.87 -26.07 -15.47
C2 NAG E . -19.16 -25.25 -15.28
C3 NAG E . -20.37 -26.19 -15.49
C4 NAG E . -20.33 -26.86 -16.87
C5 NAG E . -18.97 -27.46 -17.14
C6 NAG E . -18.85 -27.76 -18.64
C7 NAG E . -19.57 -23.40 -13.79
C8 NAG E . -19.63 -22.91 -12.37
N2 NAG E . -19.22 -24.69 -13.95
O3 NAG E . -21.59 -25.51 -15.28
O4 NAG E . -21.23 -27.95 -16.94
O5 NAG E . -17.92 -26.57 -16.79
O6 NAG E . -18.12 -28.97 -18.78
O7 NAG E . -19.85 -22.66 -14.74
C1 NAG E . -22.53 -27.51 -17.30
C2 NAG E . -23.18 -28.41 -18.36
C3 NAG E . -24.66 -28.06 -18.50
C4 NAG E . -25.35 -28.09 -17.15
C5 NAG E . -24.58 -27.06 -16.28
C6 NAG E . -25.16 -26.89 -14.89
C7 NAG E . -21.78 -29.23 -20.19
C8 NAG E . -21.45 -30.45 -19.39
N2 NAG E . -22.55 -28.26 -19.65
O3 NAG E . -25.21 -28.98 -19.40
O4 NAG E . -26.69 -27.62 -17.19
O5 NAG E . -23.26 -27.52 -16.12
O6 NAG E . -25.20 -28.18 -14.32
O7 NAG E . -21.30 -29.12 -21.31
C1 MAN E . -27.68 -28.61 -17.46
C2 MAN E . -28.97 -28.29 -16.72
C3 MAN E . -30.11 -29.18 -17.17
C4 MAN E . -30.23 -29.14 -18.69
C5 MAN E . -28.87 -29.39 -19.36
C6 MAN E . -28.83 -29.10 -20.86
O2 MAN E . -29.36 -26.94 -16.96
O3 MAN E . -31.27 -28.68 -16.56
O4 MAN E . -31.22 -30.04 -19.10
O5 MAN E . -27.95 -28.49 -18.81
O6 MAN E . -27.49 -29.16 -21.34
C1 MAN E . -32.03 -29.75 -15.93
C2 MAN E . -33.41 -29.18 -15.65
C3 MAN E . -33.32 -28.26 -14.44
C4 MAN E . -32.60 -28.87 -13.23
C5 MAN E . -31.26 -29.42 -13.69
C6 MAN E . -30.37 -29.97 -12.54
O2 MAN E . -34.31 -30.24 -15.41
O3 MAN E . -34.58 -27.80 -14.06
O4 MAN E . -32.37 -27.84 -12.29
O5 MAN E . -31.45 -30.33 -14.76
O6 MAN E . -30.86 -31.19 -11.98
C1 NAG F . -4.70 29.95 10.79
C2 NAG F . -5.79 30.30 9.79
C3 NAG F . -6.08 31.80 9.77
C4 NAG F . -6.21 32.35 11.19
C5 NAG F . -6.13 31.28 12.31
C6 NAG F . -7.45 30.58 12.72
C7 NAG F . -6.29 29.07 7.79
C8 NAG F . -7.61 28.68 8.40
N2 NAG F . -5.45 29.86 8.45
O3 NAG F . -7.26 32.00 9.05
O4 NAG F . -5.15 33.29 11.41
O5 NAG F . -5.09 30.31 12.10
O6 NAG F . -8.56 31.48 12.65
O7 NAG F . -5.98 28.65 6.69
C1 NAG G . -22.76 4.56 25.24
C2 NAG G . -24.15 4.05 24.87
C3 NAG G . -24.86 5.16 24.11
C4 NAG G . -24.94 6.42 24.98
C5 NAG G . -23.60 6.81 25.62
C6 NAG G . -23.78 7.79 26.78
C7 NAG G . -24.54 1.64 24.61
C8 NAG G . -25.77 1.06 23.98
N2 NAG G . -24.10 2.81 24.11
O3 NAG G . -26.15 4.72 23.77
O4 NAG G . -25.41 7.50 24.20
O5 NAG G . -22.87 5.68 26.12
O6 NAG G . -24.72 8.80 26.46
O7 NAG G . -23.99 1.04 25.53
C1 NAG H . 21.38 -4.53 8.62
C2 NAG H . 20.42 -4.08 9.74
C3 NAG H . 21.11 -4.19 11.11
C4 NAG H . 21.59 -5.62 11.35
C5 NAG H . 22.42 -6.14 10.15
C6 NAG H . 22.76 -7.64 10.29
C7 NAG H . 18.51 -2.57 9.70
C8 NAG H . 17.95 -1.19 9.58
N2 NAG H . 19.81 -2.77 9.45
O3 NAG H . 20.22 -3.86 12.16
O4 NAG H . 22.32 -5.70 12.57
O5 NAG H . 21.80 -5.87 8.89
O6 NAG H . 21.71 -8.44 10.79
O7 NAG H . 17.75 -3.46 10.02
ZN ZN I . 4.48 7.02 2.96
ZN ZN J . 5.50 5.84 0.11
CA CA K . -10.87 11.93 -9.47
CL CL L . 6.43 -0.79 -3.57
N OSE M . 1.14 4.99 1.45
CA OSE M . 0.33 5.68 2.29
CB OSE M . -0.78 6.45 1.68
OG OSE M . -1.58 5.26 1.38
C OSE M . 0.23 5.44 3.72
O OSE M . 0.11 4.24 4.05
S OSE M . -3.18 5.30 1.61
O1S OSE M . -3.42 5.83 2.94
O2S OSE M . -3.70 3.96 1.47
O3S OSE M . -3.56 6.37 0.66
OXT OSE M . 0.08 6.35 4.57
#